data_5FJX
#
_entry.id   5FJX
#
_cell.length_a   70.765
_cell.length_b   84.855
_cell.length_c   148.640
_cell.angle_alpha   90.00
_cell.angle_beta   90.00
_cell.angle_gamma   90.00
#
_symmetry.space_group_name_H-M   'P 21 21 21'
#
loop_
_entity.id
_entity.type
_entity.pdbx_description
1 polymer 'COATOMER SUBUNIT DELTA'
2 polymer 'ADP-RIBOSYLATION FACTOR GTPASE-ACTIVATING PROTEIN GCS1'
3 water water
#
loop_
_entity_poly.entity_id
_entity_poly.type
_entity_poly.pdbx_seq_one_letter_code
_entity_poly.pdbx_strand_id
1 'polypeptide(L)'
;GPLGSEEDVPENNGILISIKEVINAEFSRDGTIHSSELKGVLELRINDHDLSHSNLKLADSIDVRDKSFQFKTHPNIDKQ
SFLSTKLISLRDKSKAFPANDQSLGVLRWRKVAPAEDDSLIPLTLTTAVSPSESQQGFDVIIEYESVLETELADVIFTIP
VFPQEPVDINTESSTCSDAEVVN(MSE)DQE(MSE)GTSIKISKIAANDAGALAFTIEAPYEDALYP(MSE)TVSFQEST
RDKLAKSFTG(MSE)AIQSVV(MSE)ANDHDQELPYDVITSLKSDEYLVQ
;
A,B,C
2 'polypeptide(L)' DEDKWDDF D,E
#
# COMPACT_ATOMS: atom_id res chain seq x y z
N VAL A 9 1.53 -5.56 -28.31
CA VAL A 9 2.33 -4.32 -28.63
C VAL A 9 1.40 -3.18 -29.09
N PRO A 10 1.28 -2.14 -28.26
CA PRO A 10 0.50 -0.96 -28.66
C PRO A 10 1.01 -0.25 -29.91
N GLU A 11 0.10 0.39 -30.65
CA GLU A 11 0.47 1.19 -31.82
C GLU A 11 1.03 2.55 -31.38
N ASN A 12 2.06 3.02 -32.09
CA ASN A 12 2.72 4.29 -31.77
C ASN A 12 2.67 5.35 -32.89
N ASN A 13 1.95 6.45 -32.67
CA ASN A 13 1.85 7.56 -33.64
C ASN A 13 2.95 8.63 -33.58
N GLY A 14 4.12 8.28 -33.03
CA GLY A 14 5.22 9.23 -32.85
C GLY A 14 5.88 9.09 -31.49
N ILE A 15 5.15 9.47 -30.45
CA ILE A 15 5.61 9.34 -29.06
C ILE A 15 4.59 8.52 -28.33
N LEU A 16 5.08 7.45 -27.69
CA LEU A 16 4.22 6.65 -26.80
C LEU A 16 4.93 6.39 -25.47
N ILE A 17 4.31 6.90 -24.42
CA ILE A 17 4.81 6.78 -23.06
C ILE A 17 4.02 5.69 -22.35
N SER A 18 4.71 4.61 -21.98
CA SER A 18 4.11 3.55 -21.14
C SER A 18 4.54 3.60 -19.66
N ILE A 19 3.57 3.86 -18.80
CA ILE A 19 3.73 3.80 -17.36
C ILE A 19 3.16 2.48 -16.85
N LYS A 20 4.05 1.55 -16.51
CA LYS A 20 3.70 0.20 -16.08
C LYS A 20 4.05 -0.06 -14.60
N GLU A 21 3.06 -0.48 -13.83
CA GLU A 21 3.24 -0.78 -12.46
C GLU A 21 2.85 -2.26 -12.21
N VAL A 22 3.62 -2.89 -11.32
CA VAL A 22 3.38 -4.25 -10.90
C VAL A 22 3.17 -4.28 -9.41
N ILE A 23 2.05 -4.84 -8.97
CA ILE A 23 1.71 -4.83 -7.55
C ILE A 23 1.82 -6.25 -6.96
N ASN A 24 2.65 -6.37 -5.92
CA ASN A 24 2.61 -7.53 -5.04
C ASN A 24 1.83 -7.20 -3.76
N ALA A 25 1.09 -8.19 -3.26
CA ALA A 25 0.35 -8.01 -2.03
C ALA A 25 0.03 -9.35 -1.40
N GLU A 26 -0.07 -9.34 -0.06
CA GLU A 26 -0.24 -10.53 0.75
C GLU A 26 -1.25 -10.28 1.90
N PHE A 27 -2.11 -11.25 2.10
CA PHE A 27 -3.14 -11.18 3.09
C PHE A 27 -3.16 -12.47 3.88
N SER A 28 -3.58 -12.38 5.14
CA SER A 28 -4.03 -13.56 5.90
C SER A 28 -5.37 -14.01 5.37
N ARG A 29 -5.80 -15.17 5.82
CA ARG A 29 -7.08 -15.75 5.38
C ARG A 29 -8.28 -14.85 5.61
N ASP A 30 -8.26 -14.11 6.71
CA ASP A 30 -9.37 -13.22 7.10
C ASP A 30 -9.31 -11.83 6.43
N GLY A 31 -8.28 -11.59 5.64
CA GLY A 31 -8.18 -10.39 4.87
C GLY A 31 -7.25 -9.36 5.44
N THR A 32 -6.63 -9.65 6.59
CA THR A 32 -5.67 -8.74 7.21
C THR A 32 -4.45 -8.60 6.32
N ILE A 33 -4.13 -7.36 5.96
CA ILE A 33 -3.05 -7.06 5.08
C ILE A 33 -1.72 -7.37 5.78
N HIS A 34 -0.92 -8.19 5.16
CA HIS A 34 0.43 -8.51 5.63
C HIS A 34 1.48 -7.54 5.06
N SER A 35 1.42 -7.28 3.75
CA SER A 35 2.49 -6.53 3.05
C SER A 35 2.09 -6.22 1.64
N SER A 36 2.71 -5.20 1.08
CA SER A 36 2.64 -4.91 -0.32
C SER A 36 3.92 -4.28 -0.83
N GLU A 37 4.11 -4.37 -2.15
CA GLU A 37 5.27 -3.85 -2.87
C GLU A 37 4.84 -3.51 -4.29
N LEU A 38 5.02 -2.26 -4.68
CA LEU A 38 4.63 -1.77 -5.98
C LEU A 38 5.91 -1.43 -6.69
N LYS A 39 6.07 -1.89 -7.93
CA LYS A 39 7.21 -1.51 -8.77
C LYS A 39 6.70 -0.84 -10.06
N GLY A 40 7.50 0.11 -10.54
CA GLY A 40 7.11 0.96 -11.66
C GLY A 40 8.25 1.27 -12.61
N VAL A 41 7.92 1.43 -13.88
CA VAL A 41 8.88 1.87 -14.88
C VAL A 41 8.15 2.78 -15.86
N LEU A 42 8.78 3.89 -16.24
CA LEU A 42 8.26 4.75 -17.32
C LEU A 42 9.03 4.43 -18.60
N GLU A 43 8.30 3.95 -19.60
CA GLU A 43 8.89 3.57 -20.87
C GLU A 43 8.54 4.60 -21.93
N LEU A 44 9.52 4.89 -22.78
CA LEU A 44 9.38 5.83 -23.88
C LEU A 44 9.64 5.14 -25.21
N ARG A 45 8.66 5.22 -26.10
CA ARG A 45 8.82 4.79 -27.51
C ARG A 45 8.65 5.97 -28.46
N ILE A 46 9.68 6.20 -29.27
CA ILE A 46 9.66 7.18 -30.35
C ILE A 46 10.00 6.50 -31.68
N ASN A 47 9.18 6.78 -32.70
CA ASN A 47 9.42 6.27 -34.08
C ASN A 47 9.54 7.28 -35.24
N ASP A 48 9.44 8.58 -34.95
CA ASP A 48 9.58 9.63 -35.94
C ASP A 48 10.74 10.52 -35.48
N HIS A 49 11.84 10.53 -36.23
CA HIS A 49 13.09 11.18 -35.82
C HIS A 49 12.95 12.69 -35.43
N ASP A 50 11.96 13.40 -36.00
CA ASP A 50 11.65 14.79 -35.63
C ASP A 50 11.29 14.96 -34.15
N LEU A 51 10.63 13.95 -33.58
CA LEU A 51 10.14 14.00 -32.21
C LEU A 51 11.18 13.53 -31.18
N SER A 52 12.29 12.96 -31.62
CA SER A 52 13.26 12.29 -30.71
C SER A 52 14.15 13.21 -29.87
N HIS A 53 14.17 14.50 -30.19
CA HIS A 53 14.95 15.49 -29.44
C HIS A 53 14.01 16.14 -28.42
N SER A 54 13.50 15.34 -27.48
CA SER A 54 12.37 15.75 -26.63
C SER A 54 12.58 15.55 -25.13
N ASN A 55 11.73 16.24 -24.39
CA ASN A 55 11.76 16.31 -22.95
C ASN A 55 10.33 16.06 -22.43
N LEU A 56 10.17 15.20 -21.42
CA LEU A 56 8.83 14.92 -20.84
C LEU A 56 8.70 15.68 -19.53
N LYS A 57 7.52 16.24 -19.27
CA LYS A 57 7.23 16.92 -18.02
C LYS A 57 6.20 16.12 -17.27
N LEU A 58 6.49 15.85 -16.00
CA LEU A 58 5.66 14.92 -15.23
C LEU A 58 4.60 15.73 -14.57
N ALA A 59 3.50 15.08 -14.21
CA ALA A 59 2.35 15.76 -13.70
C ALA A 59 2.60 16.41 -12.36
N ASP A 60 1.95 17.54 -12.24
CA ASP A 60 2.04 18.43 -11.10
C ASP A 60 1.70 17.70 -9.82
N SER A 61 0.86 16.67 -9.89
CA SER A 61 0.59 15.89 -8.69
C SER A 61 1.89 15.35 -8.11
N ILE A 62 2.60 14.50 -8.89
CA ILE A 62 3.73 13.61 -8.43
C ILE A 62 4.87 14.34 -7.73
N ASP A 63 5.29 13.79 -6.60
CA ASP A 63 6.46 14.31 -5.90
C ASP A 63 7.68 13.47 -6.29
N VAL A 64 8.49 14.00 -7.20
CA VAL A 64 9.75 13.33 -7.64
C VAL A 64 10.86 13.23 -6.56
N ARG A 65 10.74 14.00 -5.49
CA ARG A 65 11.71 14.04 -4.40
C ARG A 65 11.29 13.22 -3.21
N ASP A 66 10.07 12.67 -3.25
CA ASP A 66 9.63 11.70 -2.25
C ASP A 66 10.48 10.41 -2.30
N LYS A 67 11.21 10.21 -1.22
CA LYS A 67 12.22 9.16 -1.20
C LYS A 67 11.64 7.76 -1.00
N SER A 68 10.41 7.65 -0.49
CA SER A 68 9.81 6.33 -0.35
C SER A 68 9.60 5.62 -1.66
N PHE A 69 9.67 6.37 -2.77
CA PHE A 69 9.54 5.86 -4.13
C PHE A 69 10.84 5.41 -4.76
N GLN A 70 11.99 5.82 -4.20
CA GLN A 70 13.31 5.55 -4.78
C GLN A 70 13.38 5.79 -6.29
N PHE A 71 13.04 7.01 -6.70
CA PHE A 71 12.98 7.35 -8.11
C PHE A 71 14.39 7.25 -8.65
N LYS A 72 14.61 6.36 -9.62
CA LYS A 72 15.92 6.21 -10.28
C LYS A 72 15.76 6.54 -11.75
N THR A 73 16.58 7.46 -12.27
CA THR A 73 16.49 7.86 -13.69
C THR A 73 17.56 7.13 -14.41
N HIS A 74 17.36 6.84 -15.69
CA HIS A 74 18.41 6.24 -16.56
C HIS A 74 19.75 7.08 -16.53
N PRO A 75 20.92 6.42 -16.59
CA PRO A 75 22.22 7.15 -16.53
C PRO A 75 22.39 8.35 -17.49
N ASN A 76 21.94 8.21 -18.73
CA ASN A 76 21.82 9.37 -19.66
C ASN A 76 20.85 10.50 -19.31
N ILE A 77 19.99 10.33 -18.29
CA ILE A 77 18.98 11.34 -17.95
C ILE A 77 19.59 12.31 -16.98
N ASP A 78 19.22 13.58 -17.13
CA ASP A 78 19.67 14.62 -16.23
C ASP A 78 18.88 14.48 -14.92
N LYS A 79 19.54 13.85 -13.94
CA LYS A 79 19.00 13.57 -12.59
C LYS A 79 18.58 14.87 -11.88
N GLN A 80 19.44 15.87 -11.91
CA GLN A 80 19.14 17.14 -11.26
C GLN A 80 17.91 17.85 -11.86
N SER A 81 17.76 17.80 -13.18
CA SER A 81 16.59 18.43 -13.82
C SER A 81 15.28 17.72 -13.55
N PHE A 82 15.35 16.39 -13.51
CA PHE A 82 14.26 15.58 -13.00
C PHE A 82 13.84 16.02 -11.60
N LEU A 83 14.78 16.20 -10.68
CA LEU A 83 14.45 16.59 -9.28
C LEU A 83 13.99 18.03 -9.09
N SER A 84 14.44 18.96 -9.93
CA SER A 84 14.09 20.39 -9.77
C SER A 84 12.82 20.74 -10.45
N THR A 85 12.66 20.28 -11.69
CA THR A 85 11.52 20.69 -12.56
C THR A 85 10.60 19.54 -13.07
N LYS A 86 10.78 18.34 -12.53
CA LYS A 86 10.06 17.13 -13.00
C LYS A 86 10.17 16.95 -14.51
N LEU A 87 11.39 17.09 -15.00
CA LEU A 87 11.68 17.04 -16.42
C LEU A 87 12.55 15.83 -16.78
N ILE A 88 12.03 14.97 -17.65
CA ILE A 88 12.82 13.89 -18.21
C ILE A 88 13.58 14.50 -19.37
N SER A 89 14.90 14.67 -19.19
CA SER A 89 15.76 15.21 -20.25
C SER A 89 17.11 14.57 -20.16
N LEU A 90 17.93 14.79 -21.18
CA LEU A 90 19.24 14.15 -21.32
C LEU A 90 20.37 15.01 -20.78
N ARG A 91 21.41 14.35 -20.24
CA ARG A 91 22.64 15.02 -19.74
CA ARG A 91 22.58 15.07 -19.72
C ARG A 91 23.23 15.88 -20.86
N ASP A 92 23.54 15.20 -21.97
CA ASP A 92 24.02 15.85 -23.17
C ASP A 92 22.82 16.58 -23.78
N LYS A 93 22.86 17.91 -23.71
CA LYS A 93 21.70 18.77 -24.00
C LYS A 93 21.33 18.73 -25.50
N SER A 94 22.25 18.28 -26.35
CA SER A 94 22.03 18.18 -27.80
C SER A 94 21.82 16.74 -28.33
N LYS A 95 22.13 15.71 -27.53
CA LYS A 95 21.75 14.31 -27.87
C LYS A 95 20.23 14.16 -27.95
N ALA A 96 19.81 13.11 -28.67
CA ALA A 96 18.40 12.79 -28.87
C ALA A 96 18.11 11.40 -28.32
N PHE A 97 16.84 11.04 -28.21
CA PHE A 97 16.45 9.63 -27.92
C PHE A 97 16.51 8.84 -29.24
N PRO A 98 16.60 7.50 -29.17
CA PRO A 98 16.35 6.71 -30.38
C PRO A 98 15.02 7.02 -31.04
N ALA A 99 15.00 6.92 -32.37
CA ALA A 99 13.78 7.03 -33.16
C ALA A 99 13.38 5.65 -33.70
N ASN A 100 13.96 4.59 -33.13
CA ASN A 100 13.80 3.24 -33.65
C ASN A 100 12.57 2.51 -33.14
N ASP A 101 11.75 3.16 -32.30
CA ASP A 101 10.51 2.59 -31.74
C ASP A 101 10.72 1.47 -30.71
N GLN A 102 11.94 1.32 -30.20
CA GLN A 102 12.21 0.37 -29.13
C GLN A 102 11.94 1.02 -27.77
N SER A 103 11.40 0.20 -26.85
CA SER A 103 10.98 0.61 -25.53
C SER A 103 12.16 0.95 -24.64
N LEU A 104 12.37 2.25 -24.39
CA LEU A 104 13.48 2.68 -23.54
C LEU A 104 12.99 3.00 -22.13
N GLY A 105 13.44 2.22 -21.15
CA GLY A 105 13.13 2.46 -19.74
C GLY A 105 13.95 3.59 -19.18
N VAL A 106 13.31 4.71 -18.86
CA VAL A 106 14.02 5.94 -18.47
C VAL A 106 13.86 6.33 -17.01
N LEU A 107 12.79 5.86 -16.38
CA LEU A 107 12.56 6.11 -14.99
C LEU A 107 11.95 4.86 -14.32
N ARG A 108 12.39 4.56 -13.10
CA ARG A 108 11.86 3.48 -12.29
C ARG A 108 11.57 3.94 -10.87
N TRP A 109 10.67 3.20 -10.24
CA TRP A 109 10.35 3.40 -8.83
C TRP A 109 9.87 2.11 -8.16
N ARG A 110 9.93 2.10 -6.83
CA ARG A 110 9.47 1.00 -6.01
C ARG A 110 8.99 1.54 -4.66
N LYS A 111 7.87 1.02 -4.18
CA LYS A 111 7.33 1.45 -2.90
C LYS A 111 6.77 0.26 -2.16
N VAL A 112 6.89 0.24 -0.83
CA VAL A 112 6.33 -0.83 -0.04
C VAL A 112 5.48 -0.26 1.06
N ALA A 113 4.49 -1.04 1.47
CA ALA A 113 3.65 -0.75 2.62
C ALA A 113 3.63 -1.98 3.55
N PRO A 114 3.45 -1.74 4.88
CA PRO A 114 3.55 -2.76 5.93
C PRO A 114 2.24 -3.44 6.23
N ALA A 115 2.20 -4.21 7.30
CA ALA A 115 0.93 -4.84 7.75
C ALA A 115 -0.19 -3.80 7.97
N GLU A 116 -1.41 -4.14 7.59
CA GLU A 116 -2.60 -3.31 7.85
C GLU A 116 -2.66 -1.97 7.10
N ASP A 117 -1.84 -1.82 6.07
CA ASP A 117 -1.78 -0.62 5.25
C ASP A 117 -2.28 -0.95 3.83
N ASP A 118 -3.34 -0.26 3.41
CA ASP A 118 -3.99 -0.56 2.18
C ASP A 118 -3.71 0.44 1.08
N SER A 119 -2.68 1.28 1.23
CA SER A 119 -2.53 2.41 0.32
C SER A 119 -2.10 1.94 -1.06
N LEU A 120 -1.46 0.78 -1.18
CA LEU A 120 -0.98 0.30 -2.48
C LEU A 120 -1.81 -0.84 -3.01
N ILE A 121 -2.93 -1.10 -2.40
CA ILE A 121 -3.70 -2.27 -2.80
C ILE A 121 -4.88 -1.90 -3.68
N PRO A 122 -4.90 -2.36 -4.95
CA PRO A 122 -6.03 -2.12 -5.83
C PRO A 122 -7.25 -3.02 -5.58
N LEU A 123 -7.05 -4.20 -4.99
CA LEU A 123 -8.07 -5.23 -4.83
C LEU A 123 -7.92 -5.91 -3.51
N THR A 124 -8.74 -5.58 -2.52
CA THR A 124 -8.65 -6.28 -1.23
C THR A 124 -9.37 -7.61 -1.27
N LEU A 125 -8.94 -8.55 -0.43
CA LEU A 125 -9.39 -9.92 -0.46
C LEU A 125 -9.64 -10.46 0.92
N THR A 126 -10.69 -11.25 1.10
CA THR A 126 -10.96 -11.99 2.34
C THR A 126 -11.43 -13.37 1.94
N THR A 127 -11.14 -14.37 2.76
CA THR A 127 -11.66 -15.74 2.53
C THR A 127 -12.32 -16.37 3.76
N ALA A 128 -13.34 -17.17 3.48
CA ALA A 128 -14.06 -17.97 4.47
C ALA A 128 -14.18 -19.42 4.01
N VAL A 129 -13.98 -20.35 4.93
CA VAL A 129 -14.07 -21.75 4.64
C VAL A 129 -14.91 -22.41 5.74
N SER A 130 -15.87 -23.24 5.30
CA SER A 130 -16.56 -24.20 6.17
C SER A 130 -16.81 -25.45 5.35
N PRO A 131 -16.84 -26.63 5.99
CA PRO A 131 -16.97 -27.90 5.22
C PRO A 131 -18.31 -28.09 4.48
N SER A 132 -18.28 -28.96 3.46
CA SER A 132 -19.37 -29.13 2.49
C SER A 132 -20.06 -30.48 2.61
N GLU A 133 -21.32 -30.52 2.17
CA GLU A 133 -22.11 -31.76 2.08
C GLU A 133 -22.08 -32.39 0.68
N SER A 134 -21.71 -31.60 -0.35
CA SER A 134 -21.77 -32.06 -1.75
C SER A 134 -20.49 -32.74 -2.28
N GLN A 135 -19.34 -32.49 -1.64
CA GLN A 135 -18.06 -33.13 -2.02
C GLN A 135 -17.19 -33.37 -0.78
N GLN A 136 -16.22 -34.28 -0.90
CA GLN A 136 -15.21 -34.54 0.14
C GLN A 136 -14.22 -33.35 0.27
N GLY A 137 -14.73 -32.23 0.80
CA GLY A 137 -14.00 -30.97 0.80
C GLY A 137 -14.79 -29.79 1.35
N PHE A 138 -14.56 -28.58 0.79
CA PHE A 138 -14.89 -27.33 1.50
C PHE A 138 -15.67 -26.34 0.66
N ASP A 139 -16.61 -25.65 1.31
CA ASP A 139 -17.34 -24.51 0.72
C ASP A 139 -16.54 -23.23 0.96
N VAL A 140 -16.01 -22.66 -0.12
CA VAL A 140 -15.16 -21.45 -0.10
C VAL A 140 -15.93 -20.19 -0.58
N ILE A 141 -15.86 -19.12 0.20
CA ILE A 141 -16.22 -17.76 -0.26
C ILE A 141 -14.98 -16.84 -0.27
N ILE A 142 -14.68 -16.30 -1.44
CA ILE A 142 -13.65 -15.27 -1.61
C ILE A 142 -14.37 -13.95 -1.81
N GLU A 143 -14.21 -13.01 -0.87
CA GLU A 143 -14.80 -11.68 -1.00
C GLU A 143 -13.76 -10.64 -1.44
N TYR A 144 -14.09 -9.84 -2.45
CA TYR A 144 -13.15 -8.91 -3.05
C TYR A 144 -13.78 -7.54 -3.21
N GLU A 145 -12.96 -6.48 -3.16
CA GLU A 145 -13.42 -5.12 -3.43
C GLU A 145 -12.36 -4.35 -4.21
N SER A 146 -12.68 -3.96 -5.44
CA SER A 146 -11.82 -3.07 -6.20
C SER A 146 -11.95 -1.66 -5.65
N VAL A 147 -10.84 -0.94 -5.62
CA VAL A 147 -10.84 0.51 -5.43
C VAL A 147 -10.32 1.18 -6.70
N LEU A 148 -10.30 0.47 -7.82
CA LEU A 148 -9.92 1.08 -9.07
C LEU A 148 -11.10 1.83 -9.70
N GLU A 149 -10.76 2.75 -10.61
CA GLU A 149 -11.73 3.50 -11.42
C GLU A 149 -12.24 2.73 -12.63
N THR A 150 -11.40 1.92 -13.27
CA THR A 150 -11.83 1.10 -14.42
C THR A 150 -12.28 -0.28 -13.96
N GLU A 151 -12.88 -1.05 -14.87
CA GLU A 151 -13.25 -2.46 -14.56
C GLU A 151 -12.05 -3.36 -14.79
N LEU A 152 -11.95 -4.41 -13.98
CA LEU A 152 -11.03 -5.52 -14.27
C LEU A 152 -11.80 -6.61 -15.02
N ALA A 153 -11.19 -7.10 -16.09
CA ALA A 153 -11.75 -8.15 -16.90
C ALA A 153 -10.95 -9.39 -16.68
N ASP A 154 -11.61 -10.53 -16.56
CA ASP A 154 -10.95 -11.83 -16.59
C ASP A 154 -9.91 -11.97 -15.51
N VAL A 155 -10.38 -11.73 -14.29
CA VAL A 155 -9.63 -12.01 -13.09
C VAL A 155 -9.63 -13.52 -12.85
N ILE A 156 -8.48 -14.07 -12.50
CA ILE A 156 -8.34 -15.51 -12.32
C ILE A 156 -7.90 -15.81 -10.88
N PHE A 157 -8.70 -16.61 -10.17
CA PHE A 157 -8.40 -17.07 -8.83
C PHE A 157 -7.90 -18.51 -8.92
N THR A 158 -6.69 -18.78 -8.42
CA THR A 158 -6.09 -20.11 -8.43
C THR A 158 -6.02 -20.66 -7.02
N ILE A 159 -6.46 -21.91 -6.88
CA ILE A 159 -6.56 -22.61 -5.60
C ILE A 159 -5.62 -23.77 -5.82
N PRO A 160 -4.60 -23.95 -4.95
CA PRO A 160 -3.53 -24.87 -5.33
C PRO A 160 -3.81 -26.39 -5.08
N VAL A 161 -5.06 -26.84 -5.26
CA VAL A 161 -5.41 -28.27 -5.32
C VAL A 161 -5.80 -28.67 -6.75
N PHE A 162 -5.50 -29.94 -7.06
CA PHE A 162 -5.90 -30.62 -8.29
C PHE A 162 -6.86 -31.72 -7.90
N PRO A 163 -8.16 -31.42 -7.79
CA PRO A 163 -9.05 -32.48 -7.29
C PRO A 163 -9.31 -33.63 -8.27
N GLN A 164 -9.88 -34.71 -7.73
CA GLN A 164 -10.44 -35.80 -8.55
C GLN A 164 -11.79 -35.36 -9.13
N GLU A 165 -12.71 -34.98 -8.23
CA GLU A 165 -14.04 -34.53 -8.59
C GLU A 165 -13.94 -33.10 -9.14
N PRO A 166 -14.58 -32.81 -10.29
CA PRO A 166 -14.71 -31.41 -10.72
C PRO A 166 -15.34 -30.42 -9.71
N VAL A 167 -14.88 -29.17 -9.81
CA VAL A 167 -15.27 -28.11 -8.87
C VAL A 167 -16.68 -27.68 -9.20
N ASP A 168 -17.45 -27.34 -8.16
CA ASP A 168 -18.80 -26.84 -8.34
C ASP A 168 -18.85 -25.38 -7.90
N ILE A 169 -19.07 -24.50 -8.85
CA ILE A 169 -19.33 -23.10 -8.53
C ILE A 169 -20.72 -23.03 -7.95
N ASN A 170 -20.88 -22.20 -6.93
CA ASN A 170 -22.16 -21.85 -6.38
C ASN A 170 -22.61 -20.62 -7.16
N THR A 171 -23.49 -20.86 -8.14
CA THR A 171 -24.06 -19.79 -9.00
C THR A 171 -24.97 -18.80 -8.22
N GLU A 172 -25.45 -19.20 -7.04
CA GLU A 172 -26.36 -18.37 -6.22
C GLU A 172 -25.63 -17.20 -5.49
N SER A 173 -24.52 -17.53 -4.85
CA SER A 173 -23.77 -16.58 -3.98
C SER A 173 -22.56 -15.91 -4.65
N SER A 174 -22.24 -16.27 -5.90
CA SER A 174 -21.21 -15.54 -6.63
C SER A 174 -21.81 -14.33 -7.35
N THR A 175 -21.26 -13.14 -7.06
CA THR A 175 -21.63 -11.86 -7.71
C THR A 175 -21.64 -11.82 -9.25
N CYS A 176 -20.67 -12.47 -9.87
CA CYS A 176 -20.48 -12.37 -11.31
C CYS A 176 -20.50 -13.80 -11.82
N SER A 177 -21.70 -14.38 -11.81
CA SER A 177 -21.97 -15.85 -11.79
C SER A 177 -21.90 -16.66 -13.12
N ASP A 178 -21.58 -15.99 -14.22
CA ASP A 178 -20.99 -16.68 -15.38
C ASP A 178 -19.52 -17.17 -15.10
N ALA A 179 -18.96 -16.76 -13.95
CA ALA A 179 -17.76 -17.35 -13.36
C ALA A 179 -17.65 -18.82 -13.65
N GLU A 180 -16.48 -19.24 -14.06
CA GLU A 180 -16.27 -20.57 -14.55
C GLU A 180 -14.89 -21.10 -14.21
N VAL A 181 -14.83 -22.42 -14.01
CA VAL A 181 -13.58 -23.16 -13.89
C VAL A 181 -12.93 -23.23 -15.28
N VAL A 182 -11.76 -22.62 -15.48
CA VAL A 182 -11.10 -22.70 -16.82
C VAL A 182 -10.11 -23.83 -16.96
N ASN A 183 -9.37 -24.13 -15.90
CA ASN A 183 -8.63 -25.38 -15.88
C ASN A 183 -8.27 -25.90 -14.50
N ASP A 185 -5.17 -28.40 -13.05
CA ASP A 185 -3.88 -28.85 -13.46
C ASP A 185 -3.13 -29.44 -12.28
N GLN A 186 -2.32 -30.46 -12.56
CA GLN A 186 -1.62 -31.21 -11.52
C GLN A 186 -0.56 -30.39 -10.79
N GLU A 187 0.11 -29.48 -11.50
CA GLU A 187 1.10 -28.59 -10.88
C GLU A 187 0.49 -27.23 -10.59
N GLY A 189 -2.63 -26.15 -10.38
CA GLY A 189 -3.85 -26.16 -9.54
C GLY A 189 -5.14 -25.82 -10.30
N THR A 190 -6.13 -25.25 -9.60
CA THR A 190 -7.45 -24.99 -10.13
C THR A 190 -7.75 -23.51 -10.27
N SER A 191 -8.04 -23.09 -11.50
CA SER A 191 -8.22 -21.68 -11.81
C SER A 191 -9.66 -21.37 -12.14
N ILE A 192 -10.20 -20.38 -11.46
CA ILE A 192 -11.51 -19.88 -11.73
C ILE A 192 -11.41 -18.46 -12.28
N LYS A 193 -11.99 -18.25 -13.47
CA LYS A 193 -12.12 -16.93 -14.09
C LYS A 193 -13.47 -16.33 -13.74
N ILE A 194 -13.44 -15.06 -13.36
CA ILE A 194 -14.64 -14.25 -13.38
C ILE A 194 -14.39 -13.12 -14.38
N SER A 195 -15.44 -12.77 -15.11
CA SER A 195 -15.29 -11.93 -16.32
C SER A 195 -15.10 -10.45 -16.02
N LYS A 196 -15.73 -9.95 -14.97
CA LYS A 196 -15.67 -8.55 -14.60
C LYS A 196 -15.64 -8.39 -13.10
N ILE A 197 -14.74 -7.52 -12.65
CA ILE A 197 -14.93 -6.87 -11.37
C ILE A 197 -15.06 -5.39 -11.69
N ALA A 198 -16.21 -4.82 -11.40
CA ALA A 198 -16.48 -3.44 -11.80
C ALA A 198 -15.74 -2.46 -10.91
N ALA A 199 -15.56 -1.24 -11.40
CA ALA A 199 -14.91 -0.17 -10.64
C ALA A 199 -15.56 0.05 -9.27
N ASN A 200 -14.74 0.42 -8.27
CA ASN A 200 -15.17 0.57 -6.86
C ASN A 200 -16.32 -0.34 -6.38
N ASP A 201 -16.31 -1.63 -6.75
CA ASP A 201 -17.42 -2.55 -6.41
C ASP A 201 -16.94 -3.81 -5.67
N ALA A 202 -17.63 -4.13 -4.57
CA ALA A 202 -17.45 -5.35 -3.81
C ALA A 202 -18.27 -6.50 -4.40
N GLY A 203 -17.62 -7.66 -4.52
CA GLY A 203 -18.21 -8.88 -5.05
C GLY A 203 -17.74 -10.07 -4.22
N ALA A 204 -18.04 -11.25 -4.73
CA ALA A 204 -17.79 -12.47 -4.00
C ALA A 204 -17.84 -13.63 -4.96
N LEU A 205 -17.07 -14.66 -4.67
CA LEU A 205 -16.91 -15.80 -5.56
C LEU A 205 -17.03 -17.00 -4.66
N ALA A 206 -18.17 -17.70 -4.78
CA ALA A 206 -18.54 -18.79 -3.89
C ALA A 206 -18.42 -20.06 -4.69
N PHE A 207 -17.93 -21.12 -4.07
CA PHE A 207 -17.73 -22.39 -4.75
C PHE A 207 -17.42 -23.48 -3.74
N THR A 208 -17.28 -24.70 -4.24
CA THR A 208 -17.02 -25.88 -3.39
C THR A 208 -15.96 -26.72 -4.07
N ILE A 209 -15.07 -27.29 -3.30
CA ILE A 209 -13.93 -27.95 -3.91
C ILE A 209 -13.42 -29.03 -2.96
N GLU A 210 -12.85 -30.07 -3.56
CA GLU A 210 -12.33 -31.24 -2.86
C GLU A 210 -10.90 -30.99 -2.43
N ALA A 211 -10.67 -31.06 -1.13
CA ALA A 211 -9.34 -30.94 -0.57
C ALA A 211 -9.24 -31.75 0.74
N PRO A 212 -8.07 -32.36 1.00
CA PRO A 212 -7.90 -33.21 2.20
C PRO A 212 -8.00 -32.50 3.58
N TYR A 213 -7.81 -31.18 3.64
CA TYR A 213 -7.85 -30.39 4.88
C TYR A 213 -7.78 -28.89 4.52
N GLU A 214 -8.16 -28.03 5.46
CA GLU A 214 -8.31 -26.59 5.19
C GLU A 214 -7.02 -25.95 4.63
N ASP A 215 -5.88 -26.28 5.22
CA ASP A 215 -4.63 -25.65 4.85
C ASP A 215 -4.17 -25.95 3.43
N ALA A 216 -4.67 -27.04 2.84
CA ALA A 216 -4.36 -27.40 1.44
C ALA A 216 -4.95 -26.42 0.42
N LEU A 217 -5.94 -25.63 0.87
CA LEU A 217 -6.54 -24.62 0.00
C LEU A 217 -5.64 -23.39 -0.24
N TYR A 218 -4.50 -23.30 0.47
CA TYR A 218 -3.66 -22.11 0.50
C TYR A 218 -2.23 -22.39 0.03
N PRO A 219 -1.55 -21.41 -0.55
CA PRO A 219 -2.05 -20.06 -0.78
C PRO A 219 -3.00 -19.95 -1.96
N THR A 221 -4.14 -17.59 -4.97
CA THR A 221 -3.57 -16.48 -5.70
C THR A 221 -4.63 -15.88 -6.60
N VAL A 222 -4.48 -14.60 -6.92
CA VAL A 222 -5.32 -13.94 -7.89
C VAL A 222 -4.43 -13.32 -8.94
N SER A 223 -4.95 -13.26 -10.16
CA SER A 223 -4.23 -12.70 -11.30
C SER A 223 -5.08 -11.68 -12.03
N PHE A 224 -4.61 -10.46 -12.19
CA PHE A 224 -5.38 -9.39 -12.87
C PHE A 224 -4.48 -8.36 -13.55
N GLN A 225 -5.11 -7.49 -14.35
CA GLN A 225 -4.46 -6.58 -15.31
C GLN A 225 -5.40 -5.45 -15.74
N GLU A 226 -4.96 -4.21 -15.57
CA GLU A 226 -5.71 -3.02 -15.97
C GLU A 226 -4.79 -2.29 -16.91
N SER A 227 -5.34 -1.83 -18.03
CA SER A 227 -4.62 -1.01 -18.99
C SER A 227 -5.55 0.11 -19.47
N THR A 228 -5.00 1.31 -19.65
CA THR A 228 -5.76 2.52 -20.07
C THR A 228 -4.86 3.43 -20.94
N ARG A 229 -5.29 3.72 -22.17
CA ARG A 229 -4.55 4.61 -23.10
C ARG A 229 -5.23 5.99 -23.15
N ASP A 230 -4.52 7.04 -22.77
CA ASP A 230 -5.11 8.37 -22.64
C ASP A 230 -4.07 9.38 -22.14
N LYS A 231 -3.99 10.55 -22.79
CA LYS A 231 -3.02 11.61 -22.43
C LYS A 231 -3.00 11.94 -20.93
N LEU A 232 -4.16 11.90 -20.29
CA LEU A 232 -4.35 12.28 -18.90
C LEU A 232 -4.47 11.11 -17.93
N ALA A 233 -4.21 9.89 -18.40
CA ALA A 233 -4.20 8.72 -17.55
C ALA A 233 -3.19 8.86 -16.40
N LYS A 234 -3.64 8.53 -15.19
CA LYS A 234 -2.82 8.45 -13.98
C LYS A 234 -2.59 7.01 -13.60
N SER A 235 -1.34 6.63 -13.33
CA SER A 235 -1.02 5.33 -12.73
C SER A 235 -1.65 5.17 -11.37
N PHE A 236 -1.70 3.93 -10.87
CA PHE A 236 -2.26 3.67 -9.54
C PHE A 236 -1.64 4.54 -8.43
N THR A 237 -0.33 4.77 -8.45
CA THR A 237 0.36 5.66 -7.48
C THR A 237 0.44 7.15 -7.86
N GLY A 238 -0.15 7.54 -9.00
CA GLY A 238 -0.29 8.94 -9.39
C GLY A 238 0.69 9.46 -10.44
N ALA A 240 1.92 10.35 -13.98
CA ALA A 240 1.20 10.90 -15.12
C ALA A 240 2.09 11.92 -15.86
N ILE A 241 1.78 12.16 -17.14
CA ILE A 241 2.49 13.17 -17.94
C ILE A 241 1.71 14.47 -18.03
N GLN A 242 2.40 15.60 -17.83
CA GLN A 242 1.80 16.94 -17.97
C GLN A 242 1.89 17.43 -19.41
N SER A 243 3.07 17.26 -20.01
CA SER A 243 3.28 17.56 -21.41
C SER A 243 4.57 16.91 -21.92
N VAL A 244 4.76 16.97 -23.23
CA VAL A 244 6.01 16.65 -23.90
C VAL A 244 6.34 17.88 -24.76
N VAL A 245 7.62 18.10 -25.02
CA VAL A 245 8.14 19.42 -25.33
C VAL A 245 9.47 19.26 -26.08
N ALA A 247 13.14 19.59 -26.71
CA ALA A 247 14.27 19.78 -25.79
C ALA A 247 14.81 21.20 -25.87
N ASN A 248 15.02 21.69 -27.10
CA ASN A 248 15.56 23.04 -27.37
C ASN A 248 14.60 24.22 -27.17
N ASP A 249 13.34 23.97 -26.80
CA ASP A 249 12.32 25.03 -26.74
C ASP A 249 11.09 24.52 -25.97
N HIS A 250 10.98 24.89 -24.69
CA HIS A 250 9.89 24.37 -23.80
C HIS A 250 8.48 24.94 -24.01
N ASP A 251 8.31 25.95 -24.86
CA ASP A 251 6.97 26.36 -25.27
C ASP A 251 6.45 25.54 -26.44
N GLN A 252 7.35 25.03 -27.27
CA GLN A 252 6.96 24.22 -28.43
C GLN A 252 6.55 22.82 -27.97
N GLU A 253 5.24 22.61 -27.83
CA GLU A 253 4.68 21.31 -27.47
C GLU A 253 4.87 20.28 -28.58
N LEU A 254 4.72 19.00 -28.23
CA LEU A 254 4.79 17.88 -29.17
C LEU A 254 3.63 16.91 -28.92
N PRO A 255 3.14 16.21 -29.98
CA PRO A 255 2.03 15.27 -29.81
C PRO A 255 2.51 13.91 -29.24
N TYR A 256 1.67 13.25 -28.43
CA TYR A 256 2.07 12.02 -27.71
C TYR A 256 0.86 11.38 -27.10
N ASP A 257 0.92 10.06 -26.90
CA ASP A 257 -0.08 9.37 -26.09
C ASP A 257 0.61 8.62 -24.92
N VAL A 258 -0.19 8.36 -23.89
CA VAL A 258 0.23 7.67 -22.69
C VAL A 258 -0.63 6.44 -22.50
N ILE A 259 0.02 5.31 -22.20
CA ILE A 259 -0.64 4.12 -21.63
C ILE A 259 -0.22 3.99 -20.18
N THR A 260 -1.18 3.79 -19.27
CA THR A 260 -0.87 3.36 -17.90
C THR A 260 -1.40 1.94 -17.67
N SER A 261 -0.58 1.07 -17.07
CA SER A 261 -1.04 -0.24 -16.65
C SER A 261 -0.65 -0.70 -15.23
N LEU A 262 -1.44 -1.66 -14.76
CA LEU A 262 -1.32 -2.22 -13.44
C LEU A 262 -1.58 -3.70 -13.57
N LYS A 263 -0.58 -4.52 -13.28
CA LYS A 263 -0.78 -5.96 -13.26
C LYS A 263 -0.27 -6.53 -11.95
N SER A 264 -0.82 -7.66 -11.56
CA SER A 264 -0.46 -8.25 -10.30
C SER A 264 0.71 -9.11 -10.55
N ASP A 265 1.42 -9.49 -9.49
CA ASP A 265 2.52 -10.47 -9.60
C ASP A 265 2.31 -11.44 -8.47
N GLU A 266 2.91 -11.25 -7.31
CA GLU A 266 2.66 -12.12 -6.18
C GLU A 266 1.56 -11.48 -5.37
N TYR A 267 0.34 -11.96 -5.60
CA TYR A 267 -0.87 -11.38 -5.05
C TYR A 267 -1.70 -12.50 -4.46
N LEU A 268 -1.68 -12.63 -3.15
CA LEU A 268 -2.12 -13.88 -2.61
C LEU A 268 -2.65 -13.80 -1.21
N VAL A 269 -3.35 -14.86 -0.83
CA VAL A 269 -3.78 -15.04 0.54
C VAL A 269 -3.37 -16.41 1.06
N GLN A 270 -2.77 -16.42 2.26
CA GLN A 270 -2.48 -17.67 2.93
C GLN A 270 -2.55 -17.50 4.43
N VAL B 9 28.89 -26.35 7.28
CA VAL B 9 27.89 -27.30 7.88
C VAL B 9 28.23 -27.55 9.34
N PRO B 10 27.54 -26.88 10.29
CA PRO B 10 27.89 -27.14 11.70
C PRO B 10 27.65 -28.60 12.09
N GLU B 11 28.36 -29.09 13.11
CA GLU B 11 28.22 -30.48 13.49
C GLU B 11 27.00 -30.58 14.39
N ASN B 12 26.29 -31.70 14.26
CA ASN B 12 25.08 -32.00 15.00
C ASN B 12 25.40 -33.19 15.93
N ASN B 13 25.07 -33.07 17.22
CA ASN B 13 25.31 -34.16 18.19
C ASN B 13 24.05 -34.97 18.51
N GLY B 14 23.13 -35.08 17.54
CA GLY B 14 21.77 -35.57 17.80
C GLY B 14 20.71 -34.64 17.21
N ILE B 15 20.36 -33.59 17.95
CA ILE B 15 19.43 -32.55 17.50
C ILE B 15 20.15 -31.22 17.30
N LEU B 16 19.88 -30.58 16.16
CA LEU B 16 20.33 -29.22 15.90
C LEU B 16 19.16 -28.40 15.36
N ILE B 17 18.78 -27.37 16.11
CA ILE B 17 17.78 -26.39 15.69
C ILE B 17 18.51 -25.13 15.18
N SER B 18 18.31 -24.81 13.88
CA SER B 18 18.87 -23.62 13.28
C SER B 18 17.70 -22.66 12.98
N ILE B 19 17.75 -21.47 13.59
CA ILE B 19 16.78 -20.41 13.35
C ILE B 19 17.55 -19.39 12.52
N LYS B 20 17.26 -19.34 11.23
CA LYS B 20 17.99 -18.48 10.28
C LYS B 20 17.10 -17.36 9.83
N GLU B 21 17.58 -16.14 10.02
CA GLU B 21 16.87 -15.00 9.58
C GLU B 21 17.73 -14.25 8.58
N VAL B 22 17.09 -13.73 7.55
CA VAL B 22 17.75 -13.04 6.43
C VAL B 22 17.09 -11.69 6.33
N ILE B 23 17.90 -10.66 6.19
CA ILE B 23 17.38 -9.27 6.17
C ILE B 23 17.70 -8.61 4.83
N ASN B 24 16.68 -7.94 4.31
CA ASN B 24 16.79 -7.07 3.17
C ASN B 24 16.51 -5.67 3.64
N ALA B 25 17.23 -4.70 3.11
CA ALA B 25 16.97 -3.32 3.43
C ALA B 25 17.49 -2.46 2.31
N GLU B 26 16.85 -1.31 2.16
CA GLU B 26 17.26 -0.37 1.12
C GLU B 26 17.31 1.03 1.70
N PHE B 27 18.39 1.73 1.39
CA PHE B 27 18.58 3.12 1.83
C PHE B 27 18.79 4.05 0.61
N SER B 28 18.28 5.27 0.71
CA SER B 28 18.69 6.33 -0.21
CA SER B 28 18.69 6.36 -0.20
C SER B 28 20.11 6.73 0.17
N ARG B 29 20.83 7.36 -0.77
CA ARG B 29 22.24 7.79 -0.59
C ARG B 29 22.56 8.56 0.66
N ASP B 30 21.61 9.34 1.16
CA ASP B 30 21.80 10.11 2.37
C ASP B 30 21.41 9.33 3.62
N GLY B 31 21.05 8.05 3.42
CA GLY B 31 20.78 7.11 4.49
C GLY B 31 19.33 7.06 4.92
N THR B 32 18.44 7.74 4.19
CA THR B 32 17.00 7.60 4.45
C THR B 32 16.53 6.18 4.10
N ILE B 33 15.86 5.55 5.07
CA ILE B 33 15.42 4.17 4.90
C ILE B 33 14.25 4.12 3.94
N HIS B 34 14.37 3.26 2.92
CA HIS B 34 13.37 3.04 1.92
C HIS B 34 12.42 1.92 2.30
N SER B 35 12.99 0.80 2.73
CA SER B 35 12.24 -0.45 2.92
C SER B 35 13.09 -1.47 3.61
N SER B 36 12.43 -2.46 4.20
CA SER B 36 13.12 -3.59 4.78
C SER B 36 12.23 -4.85 4.75
N GLU B 37 12.87 -6.02 4.79
CA GLU B 37 12.17 -7.27 4.74
C GLU B 37 12.95 -8.37 5.42
N LEU B 38 12.36 -8.95 6.45
CA LEU B 38 12.97 -9.99 7.24
C LEU B 38 12.26 -11.30 6.88
N LYS B 39 13.01 -12.29 6.45
CA LYS B 39 12.50 -13.62 6.25
C LYS B 39 13.20 -14.54 7.23
N GLY B 40 12.44 -15.47 7.78
CA GLY B 40 12.97 -16.42 8.72
C GLY B 40 12.50 -17.84 8.48
N VAL B 41 13.38 -18.79 8.82
CA VAL B 41 13.06 -20.21 8.84
C VAL B 41 13.59 -20.91 10.10
N LEU B 42 12.81 -21.85 10.63
CA LEU B 42 13.30 -22.76 11.66
C LEU B 42 13.58 -24.16 11.03
N GLU B 43 14.84 -24.55 11.03
CA GLU B 43 15.28 -25.84 10.49
C GLU B 43 15.62 -26.81 11.61
N LEU B 44 15.30 -28.07 11.38
CA LEU B 44 15.55 -29.14 12.32
C LEU B 44 16.48 -30.14 11.61
N ARG B 45 17.63 -30.44 12.24
CA ARG B 45 18.53 -31.50 11.80
C ARG B 45 18.64 -32.54 12.90
N ILE B 46 18.34 -33.81 12.55
CA ILE B 46 18.38 -34.95 13.48
C ILE B 46 19.21 -36.12 12.91
N ASN B 47 20.25 -36.58 13.64
CA ASN B 47 21.10 -37.72 13.18
C ASN B 47 21.11 -38.92 14.13
N ASP B 48 19.98 -39.17 14.78
CA ASP B 48 19.82 -40.27 15.72
C ASP B 48 18.35 -40.59 15.80
N HIS B 49 17.99 -41.83 15.43
CA HIS B 49 16.57 -42.24 15.33
C HIS B 49 15.79 -42.20 16.64
N ASP B 50 16.50 -42.22 17.78
CA ASP B 50 15.84 -42.17 19.11
C ASP B 50 15.32 -40.79 19.43
N LEU B 51 16.03 -39.79 18.90
CA LEU B 51 15.70 -38.38 19.08
C LEU B 51 14.65 -37.89 18.08
N SER B 52 14.32 -38.74 17.11
CA SER B 52 13.59 -38.33 15.93
C SER B 52 12.09 -38.16 16.15
N HIS B 53 11.54 -38.75 17.22
CA HIS B 53 10.10 -38.56 17.50
C HIS B 53 9.91 -37.52 18.59
N SER B 54 10.50 -36.35 18.33
CA SER B 54 10.60 -35.26 19.28
C SER B 54 9.66 -34.14 18.85
N ASN B 55 9.44 -33.22 19.76
CA ASN B 55 8.62 -32.02 19.54
C ASN B 55 9.35 -30.83 20.09
N LEU B 56 9.20 -29.67 19.42
CA LEU B 56 9.87 -28.43 19.86
C LEU B 56 8.88 -27.52 20.57
N LYS B 57 9.29 -26.95 21.69
CA LYS B 57 8.51 -25.90 22.34
C LYS B 57 9.27 -24.56 22.14
N LEU B 58 8.53 -23.58 21.62
CA LEU B 58 9.10 -22.27 21.35
C LEU B 58 8.95 -21.49 22.62
N ALA B 59 9.77 -20.44 22.75
CA ALA B 59 9.70 -19.55 23.91
C ALA B 59 8.33 -18.92 24.08
N ASP B 60 7.93 -18.73 25.34
CA ASP B 60 6.63 -18.15 25.67
C ASP B 60 6.57 -16.67 25.30
N SER B 61 7.72 -16.03 25.07
CA SER B 61 7.74 -14.63 24.63
C SER B 61 7.20 -14.34 23.24
N ILE B 62 6.83 -15.34 22.46
CA ILE B 62 6.54 -15.21 21.03
C ILE B 62 5.05 -15.22 20.78
N ASP B 63 4.56 -14.21 20.06
CA ASP B 63 3.16 -14.13 19.70
C ASP B 63 3.00 -14.86 18.37
N VAL B 64 2.69 -16.15 18.43
CA VAL B 64 2.46 -16.94 17.22
C VAL B 64 1.19 -16.55 16.48
N ARG B 65 0.39 -15.62 17.02
CA ARG B 65 -0.79 -15.09 16.30
C ARG B 65 -0.61 -13.71 15.70
N ASP B 66 0.59 -13.16 15.81
CA ASP B 66 0.90 -11.91 15.15
C ASP B 66 0.96 -12.15 13.62
N LYS B 67 -0.04 -11.62 12.95
CA LYS B 67 -0.22 -11.82 11.53
C LYS B 67 0.83 -11.11 10.65
N SER B 68 1.39 -10.01 11.14
CA SER B 68 2.44 -9.34 10.42
C SER B 68 3.68 -10.22 10.18
N PHE B 69 3.77 -11.37 10.86
CA PHE B 69 4.85 -12.33 10.66
C PHE B 69 4.55 -13.48 9.71
N GLN B 70 3.28 -13.67 9.34
CA GLN B 70 2.80 -14.84 8.60
C GLN B 70 3.55 -16.12 8.89
N PHE B 71 3.40 -16.57 10.13
CA PHE B 71 3.91 -17.86 10.54
C PHE B 71 3.23 -18.94 9.75
N LYS B 72 4.04 -19.75 9.09
CA LYS B 72 3.54 -20.88 8.30
C LYS B 72 4.33 -22.08 8.68
N THR B 73 3.61 -23.17 8.85
CA THR B 73 4.17 -24.42 9.27
C THR B 73 4.26 -25.29 8.05
N HIS B 74 5.19 -26.23 8.11
CA HIS B 74 5.30 -27.25 7.08
C HIS B 74 3.96 -28.05 7.09
N PRO B 75 3.44 -28.46 5.91
CA PRO B 75 2.16 -29.20 5.81
C PRO B 75 1.99 -30.37 6.81
N ASN B 76 3.03 -31.18 6.99
CA ASN B 76 3.09 -32.21 8.04
C ASN B 76 3.01 -31.74 9.49
N ILE B 77 3.34 -30.47 9.75
CA ILE B 77 3.32 -29.95 11.13
C ILE B 77 1.88 -29.66 11.52
N ASP B 78 1.55 -29.92 12.78
CA ASP B 78 0.23 -29.66 13.34
C ASP B 78 0.05 -28.15 13.56
N LYS B 79 -0.73 -27.51 12.68
CA LYS B 79 -0.93 -26.06 12.70
C LYS B 79 -1.54 -25.54 14.01
N GLN B 80 -2.52 -26.27 14.56
CA GLN B 80 -3.32 -25.77 15.70
C GLN B 80 -2.56 -25.92 17.00
N SER B 81 -1.79 -27.00 17.11
CA SER B 81 -0.93 -27.19 18.26
C SER B 81 0.17 -26.12 18.27
N PHE B 82 0.55 -25.64 17.08
CA PHE B 82 1.47 -24.51 16.99
C PHE B 82 0.87 -23.20 17.54
N LEU B 83 -0.32 -22.84 17.06
CA LEU B 83 -0.95 -21.60 17.46
C LEU B 83 -1.29 -21.55 18.96
N SER B 84 -1.97 -22.61 19.43
CA SER B 84 -2.51 -22.73 20.81
C SER B 84 -1.46 -22.98 21.87
N THR B 85 -0.44 -23.75 21.53
CA THR B 85 0.55 -24.22 22.50
C THR B 85 1.99 -23.74 22.27
N LYS B 86 2.28 -23.17 21.10
CA LYS B 86 3.66 -22.89 20.67
C LYS B 86 4.52 -24.16 20.56
N LEU B 87 3.90 -25.25 20.12
CA LEU B 87 4.56 -26.56 20.00
C LEU B 87 4.74 -26.92 18.52
N ILE B 88 5.95 -27.31 18.13
CA ILE B 88 6.22 -27.80 16.78
C ILE B 88 6.07 -29.31 16.88
N SER B 89 4.93 -29.84 16.42
CA SER B 89 4.67 -31.29 16.39
C SER B 89 4.05 -31.74 15.07
N LEU B 90 4.21 -33.02 14.76
CA LEU B 90 3.65 -33.58 13.54
C LEU B 90 2.14 -33.84 13.66
N ARG B 91 1.39 -33.75 12.54
CA ARG B 91 -0.05 -34.07 12.53
C ARG B 91 -0.25 -35.50 12.99
N ASP B 92 0.54 -36.39 12.39
CA ASP B 92 0.53 -37.82 12.67
C ASP B 92 1.28 -38.07 13.97
N LYS B 93 0.54 -38.51 14.98
CA LYS B 93 1.05 -38.49 16.35
C LYS B 93 2.07 -39.59 16.65
N SER B 94 2.28 -40.49 15.68
CA SER B 94 3.33 -41.52 15.70
C SER B 94 4.50 -41.27 14.71
N LYS B 95 4.26 -40.49 13.66
CA LYS B 95 5.28 -40.14 12.68
C LYS B 95 6.42 -39.33 13.30
N ALA B 96 7.65 -39.67 12.92
CA ALA B 96 8.86 -39.01 13.39
C ALA B 96 9.48 -38.15 12.29
N PHE B 97 10.40 -37.30 12.73
CA PHE B 97 11.20 -36.46 11.83
C PHE B 97 12.30 -37.32 11.23
N PRO B 98 12.72 -37.04 9.97
CA PRO B 98 13.80 -37.81 9.35
C PRO B 98 15.08 -37.70 10.12
N ALA B 99 15.65 -38.86 10.49
CA ALA B 99 16.93 -38.86 11.20
C ALA B 99 18.07 -39.01 10.23
N ASN B 100 17.99 -38.29 9.11
CA ASN B 100 19.01 -38.35 8.08
C ASN B 100 20.03 -37.24 8.17
N ASP B 101 19.86 -36.34 9.13
CA ASP B 101 20.76 -35.16 9.32
C ASP B 101 20.61 -34.08 8.23
N GLN B 102 19.50 -34.09 7.50
CA GLN B 102 19.28 -33.09 6.44
C GLN B 102 18.36 -32.02 7.02
N SER B 103 18.69 -30.77 6.69
CA SER B 103 17.92 -29.60 7.13
C SER B 103 16.51 -29.74 6.64
N LEU B 104 15.57 -29.58 7.55
CA LEU B 104 14.19 -29.69 7.24
C LEU B 104 13.54 -28.46 7.85
N GLY B 105 13.19 -27.51 6.98
CA GLY B 105 12.46 -26.31 7.36
C GLY B 105 11.06 -26.66 7.81
N VAL B 106 10.73 -26.35 9.05
CA VAL B 106 9.38 -26.68 9.59
C VAL B 106 8.50 -25.49 9.90
N LEU B 107 9.07 -24.29 9.87
CA LEU B 107 8.35 -23.06 10.18
C LEU B 107 9.00 -21.84 9.56
N ARG B 108 8.18 -21.01 8.95
CA ARG B 108 8.66 -19.82 8.27
C ARG B 108 7.93 -18.57 8.71
N TRP B 109 8.67 -17.44 8.70
CA TRP B 109 8.03 -16.16 8.89
C TRP B 109 8.66 -15.08 7.97
N ARG B 110 7.89 -14.01 7.77
CA ARG B 110 8.28 -12.87 6.95
C ARG B 110 7.60 -11.63 7.49
N LYS B 111 8.37 -10.57 7.63
CA LYS B 111 7.81 -9.31 8.04
C LYS B 111 8.46 -8.20 7.23
N VAL B 112 7.69 -7.15 6.97
CA VAL B 112 8.18 -6.01 6.24
C VAL B 112 7.91 -4.69 6.92
N ALA B 113 8.77 -3.72 6.61
CA ALA B 113 8.63 -2.36 7.17
C ALA B 113 8.89 -1.33 6.05
N PRO B 114 8.22 -0.16 6.13
CA PRO B 114 8.24 0.86 5.09
C PRO B 114 9.34 1.87 5.25
N ALA B 115 9.21 2.96 4.49
CA ALA B 115 10.08 4.13 4.56
C ALA B 115 10.24 4.68 5.98
N GLU B 116 11.48 5.01 6.37
CA GLU B 116 11.82 5.67 7.66
C GLU B 116 11.52 4.87 8.93
N ASP B 117 11.38 3.56 8.81
CA ASP B 117 11.11 2.67 9.91
C ASP B 117 12.34 1.74 10.06
N ASP B 118 12.98 1.80 11.23
CA ASP B 118 14.27 1.14 11.45
C ASP B 118 14.16 -0.12 12.27
N SER B 119 12.94 -0.55 12.56
CA SER B 119 12.71 -1.67 13.49
C SER B 119 13.26 -2.99 13.04
N LEU B 120 13.37 -3.25 11.74
CA LEU B 120 13.98 -4.50 11.24
C LEU B 120 15.45 -4.37 10.84
N ILE B 121 16.02 -3.20 11.10
CA ILE B 121 17.32 -2.86 10.56
C ILE B 121 18.43 -3.02 11.60
N PRO B 122 19.30 -4.03 11.42
CA PRO B 122 20.42 -4.18 12.32
C PRO B 122 21.59 -3.25 12.05
N LEU B 123 21.62 -2.59 10.89
CA LEU B 123 22.80 -1.82 10.46
C LEU B 123 22.43 -0.69 9.49
N THR B 124 22.40 0.53 10.02
CA THR B 124 22.07 1.71 9.22
C THR B 124 23.27 2.11 8.38
N LEU B 125 23.03 2.64 7.19
CA LEU B 125 24.09 3.03 6.24
C LEU B 125 23.83 4.44 5.74
N THR B 126 24.87 5.28 5.69
CA THR B 126 24.85 6.61 5.05
C THR B 126 26.00 6.68 4.10
N THR B 127 25.86 7.47 3.03
CA THR B 127 26.97 7.72 2.13
C THR B 127 27.12 9.20 1.77
N ALA B 128 28.33 9.51 1.33
CA ALA B 128 28.72 10.86 0.90
C ALA B 128 29.79 10.66 -0.16
N VAL B 129 29.62 11.31 -1.29
CA VAL B 129 30.59 11.20 -2.36
C VAL B 129 31.08 12.61 -2.65
N SER B 130 32.25 12.69 -3.24
CA SER B 130 32.74 13.94 -3.84
C SER B 130 33.79 13.61 -4.89
N PRO B 131 34.10 14.61 -5.75
CA PRO B 131 35.17 14.51 -6.77
C PRO B 131 36.57 14.12 -6.24
N SER B 132 37.14 13.09 -6.89
CA SER B 132 38.51 12.64 -6.65
C SER B 132 39.58 13.63 -7.16
N GLU B 133 40.82 13.24 -6.95
CA GLU B 133 41.99 13.84 -7.62
C GLU B 133 42.98 12.76 -8.04
N SER B 134 43.31 11.86 -7.11
CA SER B 134 44.27 10.77 -7.38
C SER B 134 43.86 9.78 -8.49
N GLN B 135 42.57 9.63 -8.79
CA GLN B 135 42.14 8.75 -9.92
C GLN B 135 41.06 9.43 -10.78
N GLN B 136 40.72 8.78 -11.89
CA GLN B 136 39.58 9.19 -12.71
C GLN B 136 38.33 8.54 -12.12
N GLY B 137 37.87 9.12 -11.00
CA GLY B 137 36.75 8.61 -10.19
C GLY B 137 36.44 9.47 -8.94
N PHE B 138 36.21 8.85 -7.76
CA PHE B 138 35.57 9.58 -6.61
C PHE B 138 36.08 9.26 -5.18
N ASP B 139 35.79 10.16 -4.24
CA ASP B 139 36.11 10.04 -2.80
C ASP B 139 34.86 9.74 -1.95
N VAL B 140 34.68 8.45 -1.63
CA VAL B 140 33.49 7.93 -0.93
C VAL B 140 33.74 7.76 0.57
N ILE B 141 32.73 8.08 1.39
CA ILE B 141 32.69 7.75 2.83
C ILE B 141 31.39 7.03 3.23
N ILE B 142 31.47 5.71 3.38
CA ILE B 142 30.32 4.89 3.85
C ILE B 142 30.24 4.86 5.37
N GLU B 143 29.31 5.64 5.95
CA GLU B 143 29.09 5.64 7.42
C GLU B 143 28.15 4.52 7.85
N TYR B 144 28.47 3.80 8.93
CA TYR B 144 27.59 2.74 9.45
C TYR B 144 27.37 2.81 10.91
N GLU B 145 26.33 2.12 11.37
CA GLU B 145 26.04 2.01 12.79
C GLU B 145 25.33 0.69 13.13
N SER B 146 25.87 -0.11 14.07
CA SER B 146 25.16 -1.31 14.58
C SER B 146 24.19 -0.95 15.70
N VAL B 147 23.06 -1.66 15.74
CA VAL B 147 22.21 -1.75 16.94
C VAL B 147 22.13 -3.20 17.40
N LEU B 148 23.02 -4.05 16.88
CA LEU B 148 23.15 -5.44 17.38
C LEU B 148 23.88 -5.55 18.73
N GLU B 149 23.59 -6.60 19.49
CA GLU B 149 24.30 -6.88 20.76
C GLU B 149 25.62 -7.56 20.50
N THR B 150 25.72 -8.32 19.41
CA THR B 150 26.98 -8.92 18.96
C THR B 150 27.77 -7.99 18.04
N GLU B 151 29.04 -8.33 17.84
CA GLU B 151 29.86 -7.81 16.74
C GLU B 151 29.37 -8.41 15.42
N LEU B 152 29.81 -7.80 14.32
CA LEU B 152 29.74 -8.34 12.97
C LEU B 152 31.14 -8.38 12.38
N ALA B 153 31.59 -9.56 11.96
CA ALA B 153 32.95 -9.75 11.47
C ALA B 153 33.00 -9.90 9.94
N ASP B 154 34.12 -9.46 9.37
CA ASP B 154 34.38 -9.60 7.93
C ASP B 154 33.21 -9.09 7.08
N VAL B 155 32.77 -7.88 7.41
CA VAL B 155 31.69 -7.21 6.72
C VAL B 155 32.27 -6.67 5.41
N ILE B 156 31.61 -6.96 4.29
CA ILE B 156 32.14 -6.62 3.00
C ILE B 156 31.24 -5.59 2.30
N PHE B 157 31.77 -4.40 2.05
CA PHE B 157 31.06 -3.37 1.29
C PHE B 157 31.48 -3.45 -0.18
N THR B 158 30.54 -3.68 -1.10
CA THR B 158 30.84 -3.78 -2.55
C THR B 158 30.36 -2.52 -3.31
N ILE B 159 31.19 -2.03 -4.23
CA ILE B 159 30.89 -0.93 -5.15
C ILE B 159 31.05 -1.52 -6.55
N PRO B 160 30.03 -1.32 -7.45
CA PRO B 160 29.85 -2.21 -8.60
C PRO B 160 30.66 -1.87 -9.89
N VAL B 161 31.76 -1.13 -9.72
CA VAL B 161 32.75 -0.89 -10.77
C VAL B 161 33.88 -1.93 -10.79
N PHE B 162 34.54 -2.08 -11.93
CA PHE B 162 35.75 -2.91 -12.08
C PHE B 162 36.88 -2.05 -12.63
N PRO B 163 37.55 -1.26 -11.76
CA PRO B 163 38.48 -0.25 -12.24
C PRO B 163 39.83 -0.80 -12.83
N GLN B 164 40.70 0.12 -13.24
CA GLN B 164 42.03 -0.15 -13.84
C GLN B 164 43.11 0.17 -12.81
N GLU B 165 43.03 1.37 -12.24
CA GLU B 165 43.77 1.72 -11.05
C GLU B 165 43.03 1.06 -9.88
N PRO B 166 43.74 0.24 -9.08
CA PRO B 166 43.16 -0.23 -7.82
C PRO B 166 42.78 0.89 -6.84
N VAL B 167 41.91 0.52 -5.89
CA VAL B 167 41.25 1.45 -4.95
C VAL B 167 42.26 1.93 -3.91
N ASP B 168 42.00 3.06 -3.26
CA ASP B 168 42.94 3.69 -2.37
C ASP B 168 42.30 3.89 -0.99
N ILE B 169 42.37 2.87 -0.13
CA ILE B 169 41.72 2.95 1.20
C ILE B 169 42.35 4.07 2.00
N ASN B 170 41.55 5.02 2.50
CA ASN B 170 42.07 6.03 3.42
C ASN B 170 42.13 5.42 4.80
N THR B 171 43.28 4.83 5.13
CA THR B 171 43.46 4.17 6.41
C THR B 171 43.60 5.14 7.62
N GLU B 172 43.18 6.42 7.48
CA GLU B 172 43.13 7.35 8.62
C GLU B 172 41.77 7.95 8.97
N SER B 173 40.83 7.93 8.01
CA SER B 173 39.43 8.29 8.26
C SER B 173 38.55 7.04 8.54
N SER B 174 38.85 5.91 7.89
CA SER B 174 38.20 4.62 8.22
C SER B 174 38.36 4.26 9.71
N THR B 175 37.49 3.39 10.21
CA THR B 175 37.61 2.89 11.58
C THR B 175 38.64 1.75 11.61
N CYS B 176 38.45 0.72 10.79
CA CYS B 176 39.36 -0.44 10.75
C CYS B 176 40.53 -0.15 9.83
N SER B 177 41.75 -0.33 10.35
CA SER B 177 42.96 0.01 9.63
C SER B 177 43.26 -1.07 8.63
N ASP B 178 42.95 -2.31 9.01
CA ASP B 178 43.11 -3.48 8.14
C ASP B 178 42.09 -3.52 6.99
N ALA B 179 41.05 -2.68 7.06
CA ALA B 179 40.16 -2.40 5.95
C ALA B 179 40.88 -2.46 4.62
N GLU B 180 40.74 -3.59 3.92
CA GLU B 180 41.44 -3.87 2.69
C GLU B 180 40.48 -4.24 1.57
N VAL B 181 40.88 -3.97 0.32
CA VAL B 181 40.19 -4.51 -0.85
C VAL B 181 40.44 -6.00 -0.87
N VAL B 182 39.48 -6.78 -1.37
CA VAL B 182 39.54 -8.25 -1.42
C VAL B 182 39.36 -8.78 -2.83
N ASN B 183 38.33 -8.29 -3.53
CA ASN B 183 38.04 -8.75 -4.88
C ASN B 183 37.85 -7.55 -5.82
N ASP B 185 36.14 -8.01 -9.50
CA ASP B 185 35.56 -8.88 -10.53
C ASP B 185 34.90 -8.03 -11.64
N GLN B 186 34.58 -8.67 -12.77
CA GLN B 186 33.84 -8.04 -13.88
C GLN B 186 32.38 -7.83 -13.49
N GLU B 187 31.69 -8.94 -13.20
CA GLU B 187 30.30 -8.93 -12.75
C GLU B 187 30.12 -8.09 -11.46
N GLY B 189 32.30 -6.46 -9.20
CA GLY B 189 33.03 -5.22 -8.93
C GLY B 189 33.91 -5.31 -7.69
N THR B 190 34.17 -4.16 -7.10
CA THR B 190 35.12 -4.03 -6.02
C THR B 190 34.54 -4.19 -4.60
N SER B 191 34.79 -5.35 -3.98
CA SER B 191 34.51 -5.59 -2.55
C SER B 191 35.66 -5.17 -1.62
N ILE B 192 35.37 -4.31 -0.65
CA ILE B 192 36.26 -3.93 0.46
C ILE B 192 35.79 -4.55 1.78
N LYS B 193 36.66 -5.29 2.46
CA LYS B 193 36.32 -5.93 3.73
C LYS B 193 36.73 -5.10 4.92
N ILE B 194 35.92 -5.07 5.96
CA ILE B 194 36.36 -4.57 7.25
C ILE B 194 36.23 -5.70 8.28
N SER B 195 37.13 -5.68 9.27
CA SER B 195 37.37 -6.84 10.12
C SER B 195 36.26 -7.00 11.16
N LYS B 196 35.79 -5.90 11.73
CA LYS B 196 34.58 -5.97 12.53
C LYS B 196 33.80 -4.65 12.60
N ILE B 197 32.52 -4.79 12.96
CA ILE B 197 31.68 -3.67 13.38
C ILE B 197 31.17 -4.06 14.78
N ALA B 198 31.60 -3.31 15.76
CA ALA B 198 31.33 -3.65 17.16
C ALA B 198 29.87 -3.41 17.52
N ALA B 199 29.35 -4.25 18.42
CA ALA B 199 28.02 -4.09 18.95
C ALA B 199 27.77 -2.64 19.32
N ASN B 200 26.59 -2.13 18.98
CA ASN B 200 26.17 -0.75 19.25
C ASN B 200 27.08 0.38 18.72
N ASP B 201 28.13 0.04 17.99
CA ASP B 201 29.12 1.03 17.62
C ASP B 201 28.73 1.67 16.28
N ALA B 202 29.07 2.95 16.14
CA ALA B 202 29.14 3.63 14.84
C ALA B 202 30.53 3.45 14.24
N GLY B 203 30.70 3.74 12.96
CA GLY B 203 31.98 3.59 12.25
C GLY B 203 31.91 4.15 10.82
N ALA B 204 32.98 3.96 10.03
CA ALA B 204 33.15 4.64 8.72
C ALA B 204 34.20 3.96 7.85
N LEU B 205 34.02 4.01 6.55
CA LEU B 205 34.96 3.45 5.61
C LEU B 205 35.14 4.48 4.50
N ALA B 206 36.23 5.25 4.58
CA ALA B 206 36.62 6.23 3.54
C ALA B 206 37.57 5.62 2.50
N PHE B 207 37.42 5.98 1.24
CA PHE B 207 38.39 5.56 0.26
C PHE B 207 38.39 6.52 -0.94
N THR B 208 38.82 6.02 -2.11
CA THR B 208 38.86 6.75 -3.38
C THR B 208 38.91 5.76 -4.54
N ILE B 209 38.11 5.95 -5.60
CA ILE B 209 37.92 4.88 -6.60
C ILE B 209 37.68 5.40 -8.05
N GLU B 210 38.01 4.56 -9.04
CA GLU B 210 37.88 4.86 -10.48
C GLU B 210 36.54 4.43 -11.06
N ALA B 211 35.83 5.41 -11.61
CA ALA B 211 34.52 5.19 -12.21
C ALA B 211 34.10 6.37 -13.09
N PRO B 212 33.42 6.09 -14.22
CA PRO B 212 33.06 7.20 -15.12
C PRO B 212 32.17 8.32 -14.49
N TYR B 213 31.08 7.95 -13.83
CA TYR B 213 30.14 8.92 -13.23
C TYR B 213 29.62 8.35 -11.90
N GLU B 214 29.16 9.24 -11.02
CA GLU B 214 28.61 8.87 -9.70
C GLU B 214 27.69 7.64 -9.73
N ASP B 215 26.70 7.68 -10.61
CA ASP B 215 25.64 6.69 -10.63
C ASP B 215 26.11 5.25 -10.90
N ALA B 216 27.32 5.04 -11.45
CA ALA B 216 27.89 3.65 -11.57
C ALA B 216 28.65 3.19 -10.31
N LEU B 217 28.88 4.11 -9.36
CA LEU B 217 29.20 3.76 -7.94
C LEU B 217 28.06 3.04 -7.20
N TYR B 218 26.86 2.99 -7.77
CA TYR B 218 25.67 2.48 -7.10
C TYR B 218 24.98 1.46 -7.96
N PRO B 219 24.19 0.58 -7.36
CA PRO B 219 24.01 0.43 -5.91
C PRO B 219 25.26 -0.04 -5.15
N THR B 221 26.44 -2.23 -2.11
CA THR B 221 25.94 -3.40 -1.39
C THR B 221 26.73 -3.63 -0.09
N VAL B 222 26.06 -4.18 0.94
CA VAL B 222 26.73 -4.68 2.15
C VAL B 222 26.37 -6.14 2.48
N SER B 223 27.40 -6.90 2.75
CA SER B 223 27.30 -8.31 3.11
C SER B 223 27.74 -8.51 4.55
N PHE B 224 26.92 -9.14 5.37
CA PHE B 224 27.25 -9.41 6.75
C PHE B 224 26.54 -10.65 7.28
N GLN B 225 26.99 -11.14 8.42
CA GLN B 225 26.81 -12.53 8.85
C GLN B 225 27.09 -12.62 10.36
N GLU B 226 26.28 -13.41 11.07
CA GLU B 226 26.37 -13.51 12.52
C GLU B 226 25.67 -14.80 12.93
N SER B 227 26.38 -15.69 13.62
CA SER B 227 25.72 -16.85 14.27
C SER B 227 26.10 -17.01 15.74
N THR B 228 25.13 -17.45 16.55
CA THR B 228 25.30 -17.70 17.97
C THR B 228 24.86 -19.15 18.21
N ARG B 229 25.79 -19.99 18.65
CA ARG B 229 25.50 -21.39 19.04
C ARG B 229 25.33 -21.50 20.59
N ASP B 230 24.08 -21.53 21.06
CA ASP B 230 23.76 -21.62 22.46
C ASP B 230 22.28 -21.92 22.62
N LYS B 231 21.96 -22.92 23.42
CA LYS B 231 20.57 -23.34 23.65
C LYS B 231 19.59 -22.20 23.92
N LEU B 232 20.10 -21.08 24.44
CA LEU B 232 19.27 -19.94 24.87
C LEU B 232 19.34 -18.72 23.92
N ALA B 233 19.97 -18.90 22.76
CA ALA B 233 19.99 -17.88 21.69
C ALA B 233 18.59 -17.46 21.27
N LYS B 234 18.39 -16.14 21.21
CA LYS B 234 17.21 -15.53 20.62
C LYS B 234 17.61 -15.01 19.24
N SER B 235 16.74 -15.12 18.24
CA SER B 235 17.02 -14.56 16.92
C SER B 235 16.79 -13.05 16.94
N PHE B 236 17.22 -12.38 15.90
CA PHE B 236 17.01 -10.96 15.78
C PHE B 236 15.57 -10.56 16.11
N THR B 237 14.58 -11.25 15.58
CA THR B 237 13.16 -10.93 15.91
C THR B 237 12.62 -11.49 17.24
N GLY B 238 13.38 -12.31 17.94
CA GLY B 238 12.97 -12.88 19.23
C GLY B 238 12.58 -14.34 19.22
N ALA B 240 12.99 -18.20 19.62
CA ALA B 240 13.82 -19.02 20.51
C ALA B 240 13.13 -20.32 20.95
N ILE B 241 13.92 -21.21 21.52
CA ILE B 241 13.46 -22.51 21.99
C ILE B 241 13.44 -22.58 23.53
N GLN B 242 12.28 -22.92 24.10
CA GLN B 242 12.21 -23.26 25.53
C GLN B 242 12.83 -24.64 25.82
N SER B 243 12.47 -25.63 25.00
CA SER B 243 12.76 -27.04 25.25
C SER B 243 12.34 -27.95 24.08
N VAL B 244 13.10 -29.03 23.90
CA VAL B 244 12.76 -30.17 23.06
C VAL B 244 12.34 -31.40 23.94
N VAL B 245 11.20 -32.00 23.61
CA VAL B 245 10.60 -33.11 24.39
C VAL B 245 10.13 -34.31 23.54
N ALA B 247 7.81 -36.75 21.90
CA ALA B 247 6.47 -36.42 21.41
C ALA B 247 5.34 -37.05 22.23
N ASN B 248 5.52 -38.30 22.66
CA ASN B 248 4.50 -39.02 23.44
C ASN B 248 4.45 -38.65 24.92
N ASP B 249 5.58 -38.20 25.47
CA ASP B 249 5.70 -37.84 26.88
C ASP B 249 6.42 -36.50 26.99
N HIS B 250 5.63 -35.45 27.21
CA HIS B 250 6.17 -34.09 27.28
C HIS B 250 7.07 -33.83 28.50
N ASP B 251 6.97 -34.67 29.54
CA ASP B 251 7.85 -34.53 30.71
C ASP B 251 9.28 -35.09 30.54
N GLN B 252 9.52 -35.90 29.50
CA GLN B 252 10.89 -36.37 29.18
C GLN B 252 11.52 -35.41 28.15
N GLU B 253 12.70 -34.87 28.48
CA GLU B 253 13.36 -33.83 27.69
C GLU B 253 14.58 -34.38 26.99
N LEU B 254 14.76 -34.03 25.71
CA LEU B 254 15.89 -34.51 24.91
C LEU B 254 17.03 -33.53 24.88
N PRO B 255 18.24 -34.02 24.63
CA PRO B 255 19.38 -33.14 24.38
C PRO B 255 19.38 -32.50 22.96
N TYR B 256 19.82 -31.24 22.91
CA TYR B 256 19.87 -30.47 21.67
C TYR B 256 20.75 -29.24 21.77
N ASP B 257 21.13 -28.74 20.61
CA ASP B 257 21.76 -27.44 20.49
C ASP B 257 20.91 -26.53 19.54
N VAL B 258 20.97 -25.21 19.75
CA VAL B 258 20.28 -24.21 18.95
C VAL B 258 21.35 -23.29 18.34
N ILE B 259 21.21 -23.01 17.03
CA ILE B 259 22.01 -22.00 16.34
C ILE B 259 21.05 -20.95 15.81
N THR B 260 21.34 -19.69 16.09
CA THR B 260 20.59 -18.57 15.51
C THR B 260 21.52 -17.79 14.62
N SER B 261 21.04 -17.39 13.45
CA SER B 261 21.84 -16.53 12.59
C SER B 261 21.00 -15.45 12.01
N LEU B 262 21.68 -14.37 11.62
CA LEU B 262 21.11 -13.24 10.90
C LEU B 262 22.08 -12.91 9.76
N LYS B 263 21.59 -12.96 8.52
CA LYS B 263 22.40 -12.55 7.36
C LYS B 263 21.69 -11.49 6.55
N SER B 264 22.50 -10.65 5.96
CA SER B 264 22.10 -9.76 4.94
C SER B 264 21.82 -10.52 3.65
N ASP B 265 20.89 -10.00 2.86
CA ASP B 265 20.76 -10.46 1.46
C ASP B 265 20.84 -9.23 0.52
N GLU B 266 19.73 -8.67 0.08
CA GLU B 266 19.75 -7.45 -0.72
C GLU B 266 19.70 -6.31 0.27
N TYR B 267 20.88 -5.78 0.57
CA TYR B 267 21.08 -4.81 1.63
C TYR B 267 21.98 -3.77 0.98
N LEU B 268 21.39 -2.64 0.61
CA LEU B 268 21.96 -1.75 -0.40
C LEU B 268 21.55 -0.27 -0.26
N VAL B 269 22.49 0.61 -0.62
CA VAL B 269 22.24 2.04 -0.75
C VAL B 269 22.17 2.39 -2.23
N GLN B 270 21.20 3.19 -2.65
CA GLN B 270 21.17 3.67 -4.03
C GLN B 270 20.40 4.96 -4.23
N VAL C 9 -23.56 9.65 18.65
CA VAL C 9 -24.85 8.89 18.78
C VAL C 9 -25.94 9.90 19.18
N PRO C 10 -26.66 10.48 18.19
CA PRO C 10 -27.74 11.42 18.54
C PRO C 10 -28.97 10.70 19.08
N GLU C 11 -29.73 11.33 19.99
CA GLU C 11 -30.86 10.65 20.63
C GLU C 11 -31.97 10.48 19.60
N ASN C 12 -32.73 9.39 19.71
CA ASN C 12 -33.84 9.09 18.82
C ASN C 12 -35.12 9.00 19.66
N ASN C 13 -36.11 9.85 19.37
CA ASN C 13 -37.40 9.87 20.11
C ASN C 13 -38.47 8.94 19.50
N GLY C 14 -38.06 7.81 18.91
CA GLY C 14 -38.98 6.95 18.15
C GLY C 14 -38.40 6.54 16.80
N ILE C 15 -38.62 7.38 15.78
CA ILE C 15 -38.03 7.17 14.44
C ILE C 15 -36.98 8.25 14.15
N LEU C 16 -35.76 7.82 13.87
CA LEU C 16 -34.72 8.75 13.43
C LEU C 16 -34.23 8.38 12.04
N ILE C 17 -34.35 9.34 11.13
CA ILE C 17 -33.92 9.16 9.77
C ILE C 17 -32.66 10.00 9.64
N SER C 18 -31.62 9.41 9.08
CA SER C 18 -30.38 10.13 8.87
C SER C 18 -30.03 10.02 7.39
N ILE C 19 -30.08 11.17 6.71
CA ILE C 19 -29.72 11.31 5.31
C ILE C 19 -28.26 11.79 5.30
N LYS C 20 -27.30 10.91 5.02
CA LYS C 20 -25.87 11.28 5.12
C LYS C 20 -25.20 11.42 3.77
N GLU C 21 -24.60 12.57 3.48
CA GLU C 21 -23.84 12.76 2.24
C GLU C 21 -22.35 13.01 2.52
N VAL C 22 -21.49 12.18 1.91
CA VAL C 22 -20.03 12.35 1.93
C VAL C 22 -19.58 12.83 0.55
N ILE C 23 -18.70 13.82 0.50
CA ILE C 23 -18.26 14.44 -0.78
C ILE C 23 -16.76 14.31 -0.93
N ASN C 24 -16.30 13.62 -1.97
CA ASN C 24 -14.89 13.63 -2.34
C ASN C 24 -14.65 14.55 -3.50
N ALA C 25 -13.49 15.18 -3.52
CA ALA C 25 -13.18 16.13 -4.57
C ALA C 25 -11.69 16.37 -4.64
N GLU C 26 -11.22 16.65 -5.85
CA GLU C 26 -9.81 16.73 -6.12
C GLU C 26 -9.56 17.93 -7.02
N PHE C 27 -8.66 18.82 -6.60
CA PHE C 27 -8.39 20.08 -7.28
C PHE C 27 -6.91 20.19 -7.67
N SER C 28 -6.62 20.88 -8.77
CA SER C 28 -5.25 21.37 -9.03
C SER C 28 -4.97 22.55 -8.12
N ARG C 29 -3.74 23.04 -8.20
CA ARG C 29 -3.34 24.19 -7.43
C ARG C 29 -3.78 25.50 -8.04
N ASP C 30 -4.06 25.51 -9.35
CA ASP C 30 -4.60 26.71 -10.01
C ASP C 30 -6.12 26.80 -9.85
N GLY C 31 -6.75 25.74 -9.33
CA GLY C 31 -8.18 25.73 -9.01
C GLY C 31 -9.04 24.74 -9.77
N THR C 32 -8.49 24.10 -10.81
CA THR C 32 -9.26 23.26 -11.73
C THR C 32 -9.78 22.02 -11.04
N ILE C 33 -11.02 21.61 -11.33
CA ILE C 33 -11.62 20.43 -10.71
C ILE C 33 -11.29 19.18 -11.53
N HIS C 34 -10.59 18.21 -10.94
CA HIS C 34 -10.15 16.99 -11.65
C HIS C 34 -11.17 15.87 -11.51
N SER C 35 -11.75 15.75 -10.32
CA SER C 35 -12.79 14.76 -10.09
C SER C 35 -13.64 15.19 -8.92
N SER C 36 -14.70 14.45 -8.68
CA SER C 36 -15.64 14.73 -7.60
C SER C 36 -16.56 13.55 -7.46
N GLU C 37 -16.96 13.25 -6.23
CA GLU C 37 -17.83 12.12 -5.95
C GLU C 37 -18.64 12.33 -4.65
N LEU C 38 -19.96 12.16 -4.75
CA LEU C 38 -20.88 12.24 -3.63
C LEU C 38 -21.49 10.87 -3.42
N LYS C 39 -21.29 10.32 -2.23
CA LYS C 39 -21.85 9.03 -1.85
C LYS C 39 -22.85 9.37 -0.78
N GLY C 40 -23.97 8.68 -0.78
CA GLY C 40 -25.03 8.98 0.13
C GLY C 40 -25.78 7.75 0.57
N VAL C 41 -26.27 7.81 1.81
CA VAL C 41 -27.06 6.73 2.37
C VAL C 41 -28.22 7.36 3.13
N LEU C 42 -29.35 6.67 3.13
CA LEU C 42 -30.50 6.99 3.97
C LEU C 42 -30.61 5.87 4.99
N GLU C 43 -30.48 6.22 6.27
CA GLU C 43 -30.51 5.29 7.40
C GLU C 43 -31.73 5.48 8.28
N LEU C 44 -32.26 4.36 8.75
CA LEU C 44 -33.42 4.33 9.63
C LEU C 44 -33.02 3.74 10.98
N ARG C 45 -33.32 4.48 12.05
CA ARG C 45 -33.24 3.96 13.42
C ARG C 45 -34.63 4.03 14.01
N ILE C 46 -35.01 3.00 14.77
CA ILE C 46 -36.30 2.94 15.47
C ILE C 46 -36.10 2.24 16.82
N ASN C 47 -36.66 2.81 17.89
CA ASN C 47 -36.51 2.25 19.26
C ASN C 47 -37.84 2.01 20.01
N ASP C 48 -38.92 1.89 19.24
CA ASP C 48 -40.27 1.68 19.74
C ASP C 48 -40.89 0.64 18.83
N HIS C 49 -41.33 -0.49 19.41
CA HIS C 49 -42.04 -1.51 18.62
C HIS C 49 -43.33 -0.94 17.99
N ASP C 50 -44.03 -0.03 18.71
CA ASP C 50 -45.22 0.71 18.18
C ASP C 50 -45.02 1.53 16.89
N LEU C 51 -43.78 1.80 16.48
CA LEU C 51 -43.52 2.50 15.21
C LEU C 51 -42.88 1.65 14.09
N SER C 52 -42.49 0.41 14.38
CA SER C 52 -41.72 -0.40 13.40
C SER C 52 -42.45 -0.77 12.11
N HIS C 53 -43.78 -0.86 12.13
CA HIS C 53 -44.53 -1.20 10.91
C HIS C 53 -44.88 0.10 10.19
N SER C 54 -43.87 0.65 9.51
CA SER C 54 -43.90 2.00 8.96
C SER C 54 -43.29 2.04 7.58
N ASN C 55 -43.68 3.07 6.82
CA ASN C 55 -43.15 3.32 5.47
C ASN C 55 -42.71 4.77 5.33
N LEU C 56 -41.56 5.00 4.70
CA LEU C 56 -41.03 6.35 4.47
C LEU C 56 -41.40 6.83 3.07
N LYS C 57 -42.04 7.98 2.98
CA LYS C 57 -42.19 8.63 1.71
C LYS C 57 -41.08 9.68 1.56
N LEU C 58 -40.37 9.65 0.42
CA LEU C 58 -39.43 10.69 0.03
C LEU C 58 -40.15 11.87 -0.64
N ALA C 59 -39.51 13.03 -0.63
CA ALA C 59 -40.09 14.23 -1.22
C ALA C 59 -40.51 14.03 -2.69
N ASP C 60 -41.61 14.69 -3.05
CA ASP C 60 -42.17 14.67 -4.43
C ASP C 60 -41.22 15.26 -5.45
N SER C 61 -40.37 16.19 -5.00
CA SER C 61 -39.34 16.79 -5.85
C SER C 61 -38.20 15.85 -6.25
N ILE C 62 -38.08 14.68 -5.63
CA ILE C 62 -36.98 13.76 -5.95
C ILE C 62 -37.37 12.90 -7.14
N ASP C 63 -36.56 12.97 -8.20
CA ASP C 63 -36.68 12.06 -9.32
C ASP C 63 -35.98 10.74 -8.96
N VAL C 64 -36.77 9.79 -8.46
CA VAL C 64 -36.27 8.45 -8.14
C VAL C 64 -35.84 7.61 -9.37
N ARG C 65 -36.17 8.08 -10.58
CA ARG C 65 -35.72 7.45 -11.86
C ARG C 65 -34.47 8.08 -12.48
N ASP C 66 -33.84 9.04 -11.79
CA ASP C 66 -32.70 9.80 -12.31
C ASP C 66 -31.42 8.98 -12.25
N LYS C 67 -30.67 8.99 -13.36
CA LYS C 67 -29.54 8.06 -13.54
C LYS C 67 -28.20 8.64 -13.06
N SER C 68 -28.13 9.95 -12.93
CA SER C 68 -27.03 10.61 -12.23
C SER C 68 -26.88 10.18 -10.75
N PHE C 69 -27.94 9.68 -10.13
CA PHE C 69 -27.91 9.25 -8.70
C PHE C 69 -27.52 7.78 -8.46
N GLN C 70 -27.83 6.88 -9.38
CA GLN C 70 -27.60 5.45 -9.20
C GLN C 70 -28.15 4.90 -7.89
N PHE C 71 -29.44 5.19 -7.67
CA PHE C 71 -30.17 4.70 -6.49
C PHE C 71 -30.15 3.18 -6.37
N LYS C 72 -29.61 2.69 -5.26
CA LYS C 72 -29.70 1.28 -4.91
C LYS C 72 -30.50 1.15 -3.60
N THR C 73 -31.46 0.22 -3.58
CA THR C 73 -32.20 -0.09 -2.36
C THR C 73 -31.43 -1.11 -1.52
N HIS C 74 -32.03 -1.46 -0.39
CA HIS C 74 -31.65 -2.64 0.40
C HIS C 74 -32.43 -3.81 -0.23
N PRO C 75 -31.83 -5.02 -0.23
CA PRO C 75 -32.54 -6.24 -0.68
C PRO C 75 -33.99 -6.44 -0.18
N ASN C 76 -34.29 -6.03 1.05
CA ASN C 76 -35.64 -6.22 1.64
C ASN C 76 -36.77 -5.24 1.23
N ILE C 77 -36.43 -4.22 0.44
CA ILE C 77 -37.36 -3.12 0.10
C ILE C 77 -38.15 -3.41 -1.19
N ASP C 78 -39.37 -2.88 -1.23
CA ASP C 78 -40.30 -3.04 -2.34
C ASP C 78 -39.92 -2.07 -3.47
N LYS C 79 -39.24 -2.61 -4.47
CA LYS C 79 -38.78 -1.80 -5.61
C LYS C 79 -39.97 -1.20 -6.37
N GLN C 80 -41.06 -1.97 -6.41
CA GLN C 80 -42.29 -1.61 -7.13
C GLN C 80 -42.88 -0.33 -6.52
N SER C 81 -43.11 -0.38 -5.21
CA SER C 81 -43.60 0.76 -4.46
C SER C 81 -42.60 1.92 -4.49
N PHE C 82 -41.30 1.61 -4.60
CA PHE C 82 -40.25 2.64 -4.64
C PHE C 82 -40.23 3.46 -5.93
N LEU C 83 -40.22 2.79 -7.07
CA LEU C 83 -40.16 3.51 -8.36
C LEU C 83 -41.51 4.14 -8.81
N SER C 84 -42.64 3.75 -8.19
CA SER C 84 -43.93 4.38 -8.49
C SER C 84 -44.25 5.64 -7.63
N THR C 85 -44.29 5.50 -6.29
CA THR C 85 -44.63 6.63 -5.37
C THR C 85 -43.50 7.11 -4.41
N LYS C 86 -42.25 6.77 -4.72
CA LYS C 86 -41.09 7.24 -3.96
C LYS C 86 -41.15 6.74 -2.49
N LEU C 87 -41.63 5.51 -2.31
CA LEU C 87 -41.98 4.94 -1.01
C LEU C 87 -40.88 3.97 -0.58
N ILE C 88 -40.61 3.92 0.73
CA ILE C 88 -39.68 2.95 1.34
C ILE C 88 -40.46 1.97 2.22
N SER C 89 -40.70 0.77 1.68
CA SER C 89 -41.53 -0.26 2.31
C SER C 89 -40.92 -1.62 2.04
N LEU C 90 -41.34 -2.61 2.82
CA LEU C 90 -40.77 -3.96 2.71
C LEU C 90 -41.47 -4.81 1.62
N ARG C 91 -40.78 -5.85 1.14
CA ARG C 91 -41.41 -6.89 0.29
C ARG C 91 -42.53 -7.59 1.05
N ASP C 92 -42.19 -8.20 2.18
CA ASP C 92 -43.17 -8.83 3.06
C ASP C 92 -43.97 -7.74 3.79
N LYS C 93 -45.28 -7.69 3.55
CA LYS C 93 -46.15 -6.60 4.02
C LYS C 93 -46.59 -6.70 5.49
N SER C 94 -46.59 -7.92 6.05
CA SER C 94 -46.75 -8.12 7.51
C SER C 94 -45.40 -8.22 8.26
N LYS C 95 -44.28 -7.93 7.58
CA LYS C 95 -42.98 -7.73 8.23
C LYS C 95 -42.81 -6.25 8.57
N ALA C 96 -42.50 -5.99 9.84
CA ALA C 96 -42.14 -4.67 10.35
C ALA C 96 -40.63 -4.44 10.27
N PHE C 97 -40.17 -3.27 10.71
CA PHE C 97 -38.74 -2.98 10.79
C PHE C 97 -38.15 -3.46 12.13
N PRO C 98 -36.82 -3.69 12.17
CA PRO C 98 -36.11 -3.84 13.45
C PRO C 98 -36.43 -2.68 14.41
N ALA C 99 -36.76 -2.98 15.66
CA ALA C 99 -36.99 -1.97 16.71
C ALA C 99 -35.84 -1.90 17.76
N ASN C 100 -34.63 -2.22 17.30
CA ASN C 100 -33.45 -2.37 18.18
C ASN C 100 -32.56 -1.12 18.20
N ASP C 101 -32.97 -0.08 17.48
CA ASP C 101 -32.31 1.23 17.44
C ASP C 101 -30.90 1.19 16.83
N GLN C 102 -30.74 0.38 15.78
CA GLN C 102 -29.48 0.19 15.05
C GLN C 102 -29.64 0.73 13.65
N SER C 103 -28.63 1.44 13.16
CA SER C 103 -28.69 2.01 11.82
C SER C 103 -28.87 0.90 10.75
N LEU C 104 -29.99 0.94 10.03
CA LEU C 104 -30.17 0.14 8.80
C LEU C 104 -30.31 1.08 7.61
N GLY C 105 -29.39 0.92 6.65
CA GLY C 105 -29.31 1.76 5.47
C GLY C 105 -30.20 1.23 4.37
N VAL C 106 -31.38 1.83 4.23
CA VAL C 106 -32.40 1.36 3.30
C VAL C 106 -32.27 1.87 1.86
N LEU C 107 -31.47 2.92 1.64
CA LEU C 107 -31.29 3.47 0.29
C LEU C 107 -29.94 4.17 0.18
N ARG C 108 -29.08 3.72 -0.73
CA ARG C 108 -27.77 4.34 -0.97
C ARG C 108 -27.84 4.99 -2.33
N TRP C 109 -26.91 5.91 -2.58
CA TRP C 109 -26.84 6.60 -3.86
C TRP C 109 -25.43 7.15 -4.12
N ARG C 110 -25.10 7.36 -5.39
CA ARG C 110 -23.75 7.76 -5.74
C ARG C 110 -23.79 8.66 -6.95
N LYS C 111 -23.18 9.83 -6.83
CA LYS C 111 -23.20 10.84 -7.87
C LYS C 111 -21.76 11.28 -8.10
N VAL C 112 -21.46 11.63 -9.34
CA VAL C 112 -20.08 11.70 -9.84
C VAL C 112 -19.96 12.72 -10.95
N ALA C 113 -18.75 13.18 -11.23
CA ALA C 113 -18.61 14.28 -12.16
C ALA C 113 -17.21 14.44 -12.76
N PRO C 114 -17.12 14.44 -14.10
CA PRO C 114 -15.85 14.60 -14.78
C PRO C 114 -15.15 15.94 -14.53
N ALA C 115 -13.90 16.00 -15.01
CA ALA C 115 -13.05 17.18 -14.89
C ALA C 115 -13.79 18.42 -15.38
N GLU C 116 -13.58 19.54 -14.71
CA GLU C 116 -14.19 20.83 -15.02
C GLU C 116 -15.64 20.98 -14.49
N ASP C 117 -16.35 19.87 -14.23
CA ASP C 117 -17.72 19.94 -13.70
C ASP C 117 -17.71 20.25 -12.19
N ASP C 118 -18.19 21.44 -11.83
CA ASP C 118 -18.28 21.87 -10.42
C ASP C 118 -19.67 21.68 -9.78
N SER C 119 -20.47 20.75 -10.31
CA SER C 119 -21.83 20.60 -9.81
C SER C 119 -21.94 20.06 -8.38
N LEU C 120 -20.93 19.31 -7.94
CA LEU C 120 -20.95 18.67 -6.63
C LEU C 120 -20.01 19.29 -5.60
N ILE C 121 -19.30 20.35 -6.00
CA ILE C 121 -18.36 21.04 -5.17
C ILE C 121 -19.11 22.00 -4.24
N PRO C 122 -19.22 21.69 -2.93
CA PRO C 122 -19.70 22.71 -2.00
C PRO C 122 -18.68 23.84 -1.72
N LEU C 123 -17.39 23.60 -1.97
CA LEU C 123 -16.36 24.55 -1.59
C LEU C 123 -15.17 24.53 -2.56
N THR C 124 -14.93 25.64 -3.27
CA THR C 124 -13.85 25.71 -4.27
C THR C 124 -12.56 26.09 -3.56
N LEU C 125 -11.45 25.64 -4.12
CA LEU C 125 -10.14 25.79 -3.52
C LEU C 125 -9.14 26.09 -4.61
N THR C 126 -8.28 27.05 -4.31
CA THR C 126 -7.15 27.41 -5.16
C THR C 126 -6.04 27.57 -4.16
N THR C 127 -4.80 27.41 -4.60
CA THR C 127 -3.66 27.67 -3.74
C THR C 127 -2.65 28.44 -4.53
N ALA C 128 -1.81 29.18 -3.84
CA ALA C 128 -0.65 29.78 -4.45
C ALA C 128 0.41 29.77 -3.39
N VAL C 129 1.65 29.57 -3.79
CA VAL C 129 2.75 29.44 -2.87
C VAL C 129 3.89 30.25 -3.43
N SER C 130 4.66 30.89 -2.56
CA SER C 130 5.90 31.58 -2.93
C SER C 130 6.95 31.42 -1.85
N PRO C 131 8.24 31.38 -2.23
CA PRO C 131 9.29 31.39 -1.22
C PRO C 131 9.09 32.46 -0.15
N SER C 132 9.45 32.12 1.09
CA SER C 132 9.25 32.98 2.23
C SER C 132 10.61 33.51 2.68
N GLU C 133 10.65 34.76 3.11
CA GLU C 133 11.84 35.34 3.74
C GLU C 133 11.82 35.05 5.26
N SER C 134 10.63 34.88 5.83
CA SER C 134 10.45 34.77 7.29
C SER C 134 10.78 33.38 7.86
N GLN C 135 10.68 32.33 7.04
CA GLN C 135 11.18 30.98 7.38
C GLN C 135 12.01 30.35 6.23
N GLN C 136 12.47 29.11 6.43
CA GLN C 136 13.00 28.25 5.36
C GLN C 136 11.86 27.33 4.89
N GLY C 137 10.94 27.99 4.18
CA GLY C 137 9.72 27.40 3.70
C GLY C 137 9.01 28.35 2.77
N PHE C 138 7.70 28.47 2.94
CA PHE C 138 6.79 29.00 1.92
C PHE C 138 5.67 29.84 2.52
N ASP C 139 5.28 30.90 1.81
CA ASP C 139 4.06 31.67 2.14
C ASP C 139 2.93 31.03 1.40
N VAL C 140 1.97 30.48 2.13
CA VAL C 140 0.84 29.83 1.46
C VAL C 140 -0.36 30.77 1.53
N ILE C 141 -1.12 30.79 0.44
CA ILE C 141 -2.42 31.43 0.35
C ILE C 141 -3.36 30.37 -0.24
N ILE C 142 -4.36 29.97 0.55
CA ILE C 142 -5.45 29.11 0.11
C ILE C 142 -6.69 29.98 -0.06
N GLU C 143 -7.30 29.97 -1.24
CA GLU C 143 -8.49 30.75 -1.50
C GLU C 143 -9.70 29.85 -1.64
N TYR C 144 -10.72 30.13 -0.86
CA TYR C 144 -11.98 29.36 -0.90
C TYR C 144 -13.20 30.23 -1.24
N GLU C 145 -14.26 29.58 -1.75
CA GLU C 145 -15.57 30.20 -1.87
C GLU C 145 -16.61 29.13 -1.64
N SER C 146 -17.48 29.34 -0.65
CA SER C 146 -18.63 28.46 -0.44
C SER C 146 -19.67 28.71 -1.52
N VAL C 147 -20.41 27.65 -1.87
CA VAL C 147 -21.67 27.78 -2.62
C VAL C 147 -22.76 27.08 -1.82
N LEU C 148 -22.64 27.14 -0.50
CA LEU C 148 -23.65 26.59 0.38
C LEU C 148 -24.54 27.68 0.96
N GLU C 149 -25.81 27.32 1.18
CA GLU C 149 -26.78 28.21 1.82
C GLU C 149 -26.57 28.29 3.35
N THR C 150 -26.04 27.24 3.96
CA THR C 150 -25.59 27.31 5.36
C THR C 150 -24.13 27.81 5.46
N GLU C 151 -23.74 28.25 6.66
CA GLU C 151 -22.35 28.56 6.97
C GLU C 151 -21.66 27.26 7.33
N LEU C 152 -20.36 27.21 7.07
CA LEU C 152 -19.53 26.07 7.49
C LEU C 152 -18.76 26.50 8.70
N ALA C 153 -18.96 25.78 9.81
CA ALA C 153 -18.23 25.98 11.05
C ALA C 153 -17.06 25.01 11.13
N ASP C 154 -15.97 25.46 11.75
CA ASP C 154 -14.82 24.63 12.13
C ASP C 154 -14.21 23.87 10.96
N VAL C 155 -13.89 24.60 9.91
CA VAL C 155 -13.26 23.99 8.76
C VAL C 155 -11.76 23.88 9.03
N ILE C 156 -11.21 22.71 8.72
CA ILE C 156 -9.81 22.33 9.07
C ILE C 156 -9.02 22.03 7.78
N PHE C 157 -7.93 22.76 7.60
CA PHE C 157 -7.07 22.60 6.46
C PHE C 157 -5.82 21.91 6.97
N THR C 158 -5.44 20.81 6.34
CA THR C 158 -4.26 20.07 6.75
C THR C 158 -3.19 20.18 5.70
N ILE C 159 -2.03 20.69 6.09
CA ILE C 159 -0.82 20.66 5.27
C ILE C 159 0.03 19.48 5.77
N PRO C 160 0.61 18.64 4.89
CA PRO C 160 1.17 17.38 5.39
C PRO C 160 2.67 17.50 5.63
N VAL C 161 3.01 18.39 6.54
CA VAL C 161 4.37 18.56 7.01
C VAL C 161 4.28 18.70 8.51
N PHE C 162 5.40 18.45 9.17
CA PHE C 162 5.51 18.57 10.63
C PHE C 162 6.64 19.57 10.86
N PRO C 163 6.32 20.85 10.98
CA PRO C 163 7.38 21.85 11.03
C PRO C 163 8.09 21.96 12.40
N GLN C 164 9.36 22.37 12.33
CA GLN C 164 10.22 22.57 13.51
C GLN C 164 9.98 23.92 14.15
N GLU C 165 9.62 24.92 13.33
CA GLU C 165 9.25 26.27 13.79
CA GLU C 165 9.26 26.22 13.84
C GLU C 165 7.73 26.37 13.73
N PRO C 166 7.12 27.13 14.66
CA PRO C 166 5.69 27.31 14.55
C PRO C 166 5.24 27.86 13.20
N VAL C 167 4.02 27.50 12.79
CA VAL C 167 3.37 28.13 11.64
C VAL C 167 2.94 29.57 11.96
N ASP C 168 3.26 30.49 11.06
CA ASP C 168 3.00 31.92 11.22
C ASP C 168 1.74 32.23 10.41
N ILE C 169 0.64 32.46 11.11
CA ILE C 169 -0.60 32.84 10.46
C ILE C 169 -0.50 34.30 9.97
N ASN C 170 -0.95 34.57 8.76
CA ASN C 170 -1.06 35.95 8.28
C ASN C 170 -2.41 36.55 8.65
N THR C 171 -2.52 37.08 9.88
CA THR C 171 -3.79 37.62 10.40
C THR C 171 -4.41 38.79 9.60
N GLU C 172 -3.60 39.51 8.80
CA GLU C 172 -4.12 40.53 7.86
C GLU C 172 -4.77 39.95 6.60
N SER C 173 -4.02 39.16 5.82
CA SER C 173 -4.56 38.49 4.60
C SER C 173 -5.59 37.38 4.85
N SER C 174 -5.55 36.78 6.04
CA SER C 174 -6.49 35.71 6.39
C SER C 174 -7.85 36.31 6.74
N THR C 175 -8.87 36.00 5.95
CA THR C 175 -10.29 36.31 6.25
C THR C 175 -10.66 36.07 7.72
N CYS C 176 -11.02 34.84 8.11
CA CYS C 176 -11.36 34.53 9.50
C CYS C 176 -10.15 34.89 10.38
N SER C 177 -10.31 35.85 11.28
CA SER C 177 -9.16 36.54 11.94
C SER C 177 -8.43 35.64 12.94
N ASP C 178 -9.21 34.87 13.70
CA ASP C 178 -8.70 33.94 14.72
C ASP C 178 -8.24 32.54 14.19
N ALA C 179 -7.93 32.44 12.90
CA ALA C 179 -7.39 31.20 12.30
C ALA C 179 -6.16 30.75 13.06
N GLU C 180 -6.10 29.45 13.33
CA GLU C 180 -5.12 28.91 14.24
C GLU C 180 -4.83 27.44 13.95
N VAL C 181 -3.60 27.05 14.25
CA VAL C 181 -3.19 25.65 14.31
C VAL C 181 -3.90 24.98 15.48
N VAL C 182 -4.48 23.81 15.25
CA VAL C 182 -5.16 23.01 16.29
C VAL C 182 -4.57 21.63 16.52
N ASN C 183 -3.81 21.11 15.56
CA ASN C 183 -3.22 19.81 15.67
C ASN C 183 -1.97 19.75 14.87
N ASP C 185 0.63 16.54 13.83
CA ASP C 185 0.52 15.08 13.90
C ASP C 185 1.58 14.46 13.01
N GLN C 186 2.26 13.43 13.50
CA GLN C 186 3.41 12.87 12.81
C GLN C 186 2.99 12.29 11.45
N GLU C 187 1.85 11.61 11.38
CA GLU C 187 1.35 11.06 10.11
C GLU C 187 0.79 12.15 9.17
N GLY C 189 0.28 15.55 9.55
CA GLY C 189 0.86 16.90 9.51
C GLY C 189 0.11 17.99 10.31
N THR C 190 0.03 19.20 9.74
CA THR C 190 -0.37 20.39 10.47
C THR C 190 -1.77 20.79 10.03
N SER C 191 -2.68 20.93 11.01
CA SER C 191 -4.09 21.24 10.77
C SER C 191 -4.46 22.67 11.30
N ILE C 192 -4.96 23.51 10.40
CA ILE C 192 -5.31 24.88 10.72
C ILE C 192 -6.82 24.97 10.69
N LYS C 193 -7.43 25.36 11.80
CA LYS C 193 -8.89 25.56 11.88
C LYS C 193 -9.25 27.03 11.63
N ILE C 194 -10.34 27.26 10.91
CA ILE C 194 -10.97 28.57 10.89
C ILE C 194 -12.37 28.44 11.41
N SER C 195 -12.83 29.48 12.12
CA SER C 195 -14.07 29.44 12.90
C SER C 195 -15.33 29.25 12.06
N LYS C 196 -15.42 29.99 10.95
CA LYS C 196 -16.57 29.88 10.03
C LYS C 196 -16.14 30.22 8.61
N ILE C 197 -16.83 29.60 7.66
CA ILE C 197 -16.93 30.09 6.29
C ILE C 197 -18.42 30.39 6.06
N ALA C 198 -18.74 31.68 5.91
CA ALA C 198 -20.14 32.10 5.75
C ALA C 198 -20.69 31.69 4.37
N ALA C 199 -21.98 31.34 4.34
CA ALA C 199 -22.71 30.97 3.10
C ALA C 199 -22.40 31.90 1.92
N ASN C 200 -22.36 31.34 0.70
CA ASN C 200 -21.98 32.08 -0.51
C ASN C 200 -20.95 33.23 -0.33
N ASP C 201 -19.93 33.04 0.52
CA ASP C 201 -18.85 34.05 0.69
C ASP C 201 -17.47 33.46 0.31
N ALA C 202 -16.59 34.32 -0.20
CA ALA C 202 -15.23 33.95 -0.62
C ALA C 202 -14.17 34.43 0.37
N GLY C 203 -13.36 33.48 0.88
CA GLY C 203 -12.28 33.80 1.80
C GLY C 203 -10.89 33.31 1.39
N ALA C 204 -9.96 33.52 2.32
CA ALA C 204 -8.57 33.21 2.14
C ALA C 204 -7.95 32.89 3.52
N LEU C 205 -7.11 31.86 3.54
CA LEU C 205 -6.27 31.55 4.70
C LEU C 205 -4.89 31.76 4.19
N ALA C 206 -4.07 32.51 4.92
CA ALA C 206 -2.71 32.69 4.49
C ALA C 206 -1.83 32.52 5.69
N PHE C 207 -0.67 31.91 5.48
CA PHE C 207 0.26 31.59 6.56
C PHE C 207 1.60 31.20 5.98
N THR C 208 2.57 31.10 6.86
CA THR C 208 3.89 30.65 6.48
C THR C 208 4.23 29.38 7.26
N ILE C 209 4.71 28.37 6.54
CA ILE C 209 4.97 27.06 7.11
C ILE C 209 6.37 26.66 6.66
N GLU C 210 7.11 26.02 7.54
CA GLU C 210 8.43 25.52 7.18
C GLU C 210 8.26 24.25 6.35
N ALA C 211 9.13 24.04 5.37
CA ALA C 211 8.98 22.92 4.44
C ALA C 211 10.17 22.90 3.49
N PRO C 212 10.63 21.72 3.08
CA PRO C 212 11.88 21.72 2.32
C PRO C 212 11.73 22.06 0.84
N TYR C 213 10.55 21.91 0.26
CA TYR C 213 10.28 22.25 -1.16
C TYR C 213 8.77 22.31 -1.38
N GLU C 214 8.34 22.93 -2.46
CA GLU C 214 6.92 23.22 -2.69
C GLU C 214 6.02 21.98 -2.61
N ASP C 215 6.38 20.94 -3.34
CA ASP C 215 5.55 19.76 -3.48
C ASP C 215 5.33 18.98 -2.19
N ALA C 216 6.20 19.18 -1.19
CA ALA C 216 5.97 18.69 0.18
C ALA C 216 4.81 19.33 0.89
N LEU C 217 4.27 20.42 0.37
CA LEU C 217 3.06 21.00 0.95
C LEU C 217 1.81 20.30 0.48
N TYR C 218 1.91 19.43 -0.51
CA TYR C 218 0.72 18.79 -1.09
C TYR C 218 0.76 17.27 -0.94
N PRO C 219 -0.41 16.62 -0.93
CA PRO C 219 -1.73 17.25 -1.08
C PRO C 219 -2.27 17.93 0.19
N THR C 221 -5.33 19.02 2.46
CA THR C 221 -6.61 18.41 2.77
C THR C 221 -7.44 19.42 3.53
N VAL C 222 -8.75 19.36 3.33
CA VAL C 222 -9.69 20.23 3.99
C VAL C 222 -10.84 19.36 4.49
N SER C 223 -11.24 19.58 5.74
CA SER C 223 -12.28 18.80 6.37
C SER C 223 -13.40 19.76 6.78
N PHE C 224 -14.63 19.51 6.30
CA PHE C 224 -15.82 20.22 6.77
C PHE C 224 -16.97 19.27 7.00
N GLN C 225 -17.91 19.73 7.81
CA GLN C 225 -19.06 18.97 8.23
C GLN C 225 -20.18 19.98 8.46
N GLU C 226 -21.40 19.50 8.36
CA GLU C 226 -22.59 20.32 8.58
C GLU C 226 -23.72 19.34 8.79
N SER C 227 -24.51 19.58 9.82
CA SER C 227 -25.77 18.87 9.96
C SER C 227 -26.85 19.84 10.41
N THR C 228 -28.08 19.35 10.36
CA THR C 228 -29.26 20.11 10.72
C THR C 228 -30.32 19.12 11.21
N ARG C 229 -31.21 19.56 12.10
CA ARG C 229 -32.33 18.70 12.51
C ARG C 229 -33.71 19.20 12.01
N ASP C 230 -33.69 20.09 11.01
CA ASP C 230 -34.89 20.59 10.33
C ASP C 230 -35.53 19.44 9.51
N LYS C 231 -36.75 19.05 9.88
CA LYS C 231 -37.63 18.17 9.07
C LYS C 231 -37.78 18.61 7.60
N LEU C 232 -37.71 19.92 7.32
CA LEU C 232 -37.70 20.45 5.95
C LEU C 232 -36.29 20.72 5.36
N ALA C 233 -35.24 20.16 5.97
CA ALA C 233 -33.91 20.26 5.39
C ALA C 233 -33.80 19.30 4.21
N LYS C 234 -33.32 19.85 3.10
CA LYS C 234 -32.90 19.07 1.96
C LYS C 234 -31.37 18.89 2.03
N SER C 235 -30.91 17.65 1.78
CA SER C 235 -29.50 17.35 1.66
C SER C 235 -28.87 18.12 0.50
N PHE C 236 -27.55 18.07 0.39
CA PHE C 236 -26.86 18.78 -0.66
C PHE C 236 -27.40 18.48 -2.07
N THR C 237 -27.78 17.23 -2.33
CA THR C 237 -28.23 16.83 -3.69
C THR C 237 -29.75 16.92 -3.95
N GLY C 238 -30.52 17.28 -2.93
CA GLY C 238 -31.98 17.41 -3.03
C GLY C 238 -32.80 16.44 -2.18
N ALA C 240 -34.59 14.28 0.82
CA ALA C 240 -35.50 14.75 1.87
C ALA C 240 -36.62 13.75 2.09
N ILE C 241 -37.25 13.83 3.27
CA ILE C 241 -38.42 13.02 3.64
C ILE C 241 -39.69 13.89 3.54
N GLN C 242 -40.77 13.33 3.01
CA GLN C 242 -42.08 14.02 2.96
C GLN C 242 -42.83 13.70 4.23
N SER C 243 -43.10 12.42 4.47
CA SER C 243 -43.75 11.98 5.71
C SER C 243 -43.41 10.51 5.98
N VAL C 244 -43.76 10.04 7.18
CA VAL C 244 -43.73 8.61 7.53
C VAL C 244 -45.16 8.20 7.94
N VAL C 245 -45.58 7.01 7.50
CA VAL C 245 -46.99 6.56 7.70
C VAL C 245 -47.04 5.10 8.12
N ALA C 247 -47.64 1.40 7.89
CA ALA C 247 -47.56 0.54 6.68
C ALA C 247 -48.93 0.06 6.12
N ASN C 248 -49.91 -0.16 6.99
CA ASN C 248 -51.24 -0.64 6.60
C ASN C 248 -52.38 0.42 6.72
N ASP C 249 -52.02 1.68 6.91
CA ASP C 249 -52.90 2.83 6.64
C ASP C 249 -52.04 4.07 6.32
N HIS C 250 -51.84 4.34 5.01
CA HIS C 250 -51.05 5.51 4.53
C HIS C 250 -51.70 6.89 4.73
N ASP C 251 -52.90 6.97 5.33
CA ASP C 251 -53.50 8.26 5.71
C ASP C 251 -53.09 8.70 7.11
N GLN C 252 -52.70 7.73 7.95
CA GLN C 252 -52.28 7.97 9.35
C GLN C 252 -50.77 8.15 9.39
N GLU C 253 -50.33 9.37 9.70
CA GLU C 253 -48.91 9.72 9.81
C GLU C 253 -48.36 9.37 11.19
N LEU C 254 -47.02 9.35 11.29
CA LEU C 254 -46.31 9.05 12.54
C LEU C 254 -45.28 10.14 12.85
N PRO C 255 -44.92 10.31 14.13
CA PRO C 255 -43.88 11.31 14.48
C PRO C 255 -42.45 10.83 14.16
N TYR C 256 -41.62 11.71 13.58
CA TYR C 256 -40.24 11.37 13.17
C TYR C 256 -39.28 12.56 13.18
N ASP C 257 -37.97 12.26 13.17
CA ASP C 257 -36.91 13.26 13.16
C ASP C 257 -35.88 12.95 12.12
N VAL C 258 -35.36 14.01 11.49
CA VAL C 258 -34.48 13.92 10.34
C VAL C 258 -33.20 14.71 10.63
N ILE C 259 -32.06 14.03 10.65
CA ILE C 259 -30.77 14.71 10.56
C ILE C 259 -30.30 14.58 9.13
N THR C 260 -30.02 15.68 8.46
CA THR C 260 -29.36 15.63 7.15
C THR C 260 -27.96 16.18 7.34
N SER C 261 -26.95 15.41 6.96
CA SER C 261 -25.55 15.82 7.09
C SER C 261 -24.78 15.79 5.78
N LEU C 262 -23.91 16.78 5.55
CA LEU C 262 -22.89 16.74 4.46
C LEU C 262 -21.52 16.87 5.12
N LYS C 263 -20.59 16.00 4.74
CA LYS C 263 -19.27 15.89 5.38
C LYS C 263 -18.23 15.57 4.32
N SER C 264 -17.15 16.33 4.28
CA SER C 264 -16.06 16.02 3.35
C SER C 264 -15.37 14.73 3.76
N ASP C 265 -14.63 14.15 2.81
CA ASP C 265 -13.76 13.01 3.10
C ASP C 265 -12.40 13.22 2.45
N GLU C 266 -12.21 12.73 1.21
CA GLU C 266 -10.99 12.93 0.45
C GLU C 266 -11.21 14.18 -0.40
N TYR C 267 -10.89 15.32 0.18
CA TYR C 267 -11.27 16.58 -0.38
C TYR C 267 -9.98 17.33 -0.39
N LEU C 268 -9.27 17.34 -1.52
CA LEU C 268 -7.89 17.78 -1.49
C LEU C 268 -7.47 18.51 -2.72
N VAL C 269 -6.41 19.31 -2.58
CA VAL C 269 -5.80 19.97 -3.72
C VAL C 269 -4.44 19.30 -3.92
N GLN C 270 -4.29 18.61 -5.05
CA GLN C 270 -3.08 17.88 -5.40
C GLN C 270 -1.96 18.81 -5.85
N ASP D 3 10.47 -21.06 -0.21
CA ASP D 3 9.46 -21.20 -1.32
C ASP D 3 8.68 -22.53 -1.29
N LYS D 4 9.38 -23.66 -1.40
CA LYS D 4 8.78 -25.01 -1.47
C LYS D 4 9.10 -25.74 -0.20
N TRP D 5 8.18 -26.56 0.28
CA TRP D 5 8.46 -27.41 1.43
C TRP D 5 9.16 -28.70 1.00
N ASP D 6 9.71 -29.44 1.97
CA ASP D 6 10.35 -30.72 1.71
C ASP D 6 9.47 -31.83 2.22
N ASP D 7 9.04 -32.70 1.33
CA ASP D 7 8.30 -33.89 1.72
C ASP D 7 9.13 -34.73 2.67
N PHE D 8 8.47 -35.28 3.67
CA PHE D 8 9.03 -36.35 4.49
C PHE D 8 7.90 -37.13 5.13
N LYS E 4 18.58 -3.85 -15.10
CA LYS E 4 19.56 -2.76 -15.45
C LYS E 4 19.04 -1.91 -16.63
N TRP E 5 19.92 -1.14 -17.28
CA TRP E 5 19.51 -0.12 -18.26
C TRP E 5 20.01 -0.39 -19.72
N ASP E 6 19.15 -0.13 -20.70
CA ASP E 6 19.49 -0.26 -22.13
C ASP E 6 20.37 0.90 -22.57
N ASP E 7 21.60 0.59 -23.02
CA ASP E 7 22.53 1.64 -23.48
C ASP E 7 22.09 2.30 -24.79
N PHE E 8 22.29 3.61 -24.85
CA PHE E 8 22.07 4.41 -26.07
C PHE E 8 22.88 5.72 -26.02
#